data_3IVR
#
_entry.id   3IVR
#
_cell.length_a   127.624
_cell.length_b   97.213
_cell.length_c   95.077
_cell.angle_alpha   90.00
_cell.angle_beta   102.04
_cell.angle_gamma   90.00
#
_symmetry.space_group_name_H-M   'C 1 2 1'
#
loop_
_entity.id
_entity.type
_entity.pdbx_description
1 polymer 'Putative long-chain-fatty-acid CoA ligase'
2 non-polymer GLYCEROL
3 non-polymer 'CHLORIDE ION'
4 water water
#
_entity_poly.entity_id   1
_entity_poly.type   'polypeptide(L)'
_entity_poly.pdbx_seq_one_letter_code
;MSLHDFTLADVYRRNAALFPDRTAFMVDGVRLTHRDYLARAERLASGLLRDGVHTGDRVAILSQNCSEMIELIGAVALIG
AILLPVNYRLNADEIAFVLGDGAPSVVVAGTDYRDIVAGVLPSLGGVKKAYAIGDGSGPFAPFKDLASDTPFSAPEFGAA
DGFVIIHTAAVGGRPRGALISQGNLLIAQSSLVDAWRLTEADVNLGMLPLFHVTGLGLMLTLQQAGGASVIAAKFDPAQA
ARDIEAHKVTVMAEFAPMLGNILDQAAPAQLASLRAVTGLDTPETIERFEATCPNATFWATFGQSETSGLSTFAPYRDRP
KSAGRPLFWRTVAVVDAEDRPLPPGEVGEIVLRGPTVFKGYWNNAAATQHAFRNGWHHTGDMGRFDADGYLFYAGRAPEK
ELIKTGGENVYPAEVEGALKQHPAIADAVVIGVPDPQWSEAIKAVCVCKPGESIAADALAEFVASLIARYKKPKHVVFVE
ALPKDAKGAIDRAAVKTAHGQEGHHHHHH
;
_entity_poly.pdbx_strand_id   A,B
#
loop_
_chem_comp.id
_chem_comp.type
_chem_comp.name
_chem_comp.formula
CL non-polymer 'CHLORIDE ION' 'Cl -1'
GOL non-polymer GLYCEROL 'C3 H8 O3'
#
# COMPACT_ATOMS: atom_id res chain seq x y z
N SER A 2 12.35 9.07 -9.68
CA SER A 2 12.05 7.84 -10.50
C SER A 2 12.44 6.56 -9.77
N LEU A 3 13.62 6.56 -9.14
CA LEU A 3 14.14 5.44 -8.36
C LEU A 3 13.18 4.91 -7.29
N HIS A 4 12.43 5.82 -6.66
CA HIS A 4 11.47 5.50 -5.61
C HIS A 4 10.02 5.34 -6.11
N ASP A 5 9.81 5.35 -7.42
CA ASP A 5 8.46 5.26 -7.98
C ASP A 5 8.08 3.85 -8.37
N PHE A 6 6.83 3.51 -8.10
CA PHE A 6 6.19 2.32 -8.62
C PHE A 6 4.85 2.83 -9.17
N THR A 7 4.65 2.63 -10.47
CA THR A 7 3.49 3.20 -11.15
C THR A 7 2.71 2.05 -11.78
N LEU A 8 1.59 2.34 -12.46
CA LEU A 8 0.88 1.33 -13.26
C LEU A 8 1.76 0.65 -14.31
N ALA A 9 2.74 1.38 -14.84
CA ALA A 9 3.72 0.80 -15.78
C ALA A 9 4.42 -0.37 -15.15
N ASP A 10 4.79 -0.22 -13.88
CA ASP A 10 5.50 -1.27 -13.15
C ASP A 10 4.61 -2.47 -12.86
N VAL A 11 3.31 -2.25 -12.71
CA VAL A 11 2.33 -3.35 -12.58
C VAL A 11 2.23 -4.18 -13.86
N TYR A 12 2.17 -3.50 -15.01
CA TYR A 12 2.04 -4.17 -16.30
C TYR A 12 3.27 -5.02 -16.56
N ARG A 13 4.44 -4.48 -16.21
CA ARG A 13 5.70 -5.20 -16.38
CA ARG A 13 5.69 -5.21 -16.38
C ARG A 13 5.83 -6.34 -15.37
N ARG A 14 5.33 -6.09 -14.16
CA ARG A 14 5.28 -7.12 -13.13
C ARG A 14 4.43 -8.30 -13.59
N ASN A 15 3.21 -8.01 -14.07
CA ASN A 15 2.28 -9.03 -14.55
C ASN A 15 2.80 -9.80 -15.76
N ALA A 16 3.43 -9.08 -16.70
CA ALA A 16 4.13 -9.72 -17.82
C ALA A 16 5.30 -10.59 -17.38
N ALA A 17 5.92 -10.29 -16.24
CA ALA A 17 7.03 -11.07 -15.75
C ALA A 17 6.58 -12.27 -14.91
N LEU A 18 5.62 -12.06 -14.02
CA LEU A 18 5.20 -13.09 -13.07
C LEU A 18 4.09 -13.97 -13.58
N PHE A 19 3.16 -13.39 -14.36
CA PHE A 19 1.98 -14.13 -14.85
C PHE A 19 1.74 -13.96 -16.37
N PRO A 20 2.78 -14.16 -17.22
CA PRO A 20 2.66 -13.73 -18.63
C PRO A 20 1.51 -14.39 -19.40
N ASP A 21 1.26 -15.67 -19.14
CA ASP A 21 0.30 -16.46 -19.91
C ASP A 21 -1.09 -16.43 -19.29
N ARG A 22 -1.20 -15.89 -18.08
CA ARG A 22 -2.49 -15.77 -17.43
C ARG A 22 -3.31 -14.68 -18.12
N THR A 23 -4.63 -14.82 -18.05
CA THR A 23 -5.56 -13.86 -18.63
C THR A 23 -5.50 -12.52 -17.90
N ALA A 24 -5.44 -11.44 -18.67
CA ALA A 24 -5.64 -10.11 -18.11
C ALA A 24 -7.08 -9.67 -18.34
N PHE A 25 -7.56 -9.87 -19.57
CA PHE A 25 -8.92 -9.42 -19.97
C PHE A 25 -9.65 -10.45 -20.84
N MET A 26 -10.95 -10.60 -20.59
CA MET A 26 -11.84 -11.35 -21.47
C MET A 26 -12.80 -10.31 -22.00
N VAL A 27 -12.63 -9.92 -23.26
CA VAL A 27 -13.36 -8.77 -23.79
C VAL A 27 -13.85 -9.07 -25.21
N ASP A 28 -15.15 -8.83 -25.44
CA ASP A 28 -15.88 -9.24 -26.67
C ASP A 28 -15.39 -10.55 -27.34
N GLY A 29 -15.46 -11.65 -26.59
CA GLY A 29 -15.13 -12.99 -27.09
C GLY A 29 -13.66 -13.34 -27.25
N VAL A 30 -12.77 -12.37 -27.03
CA VAL A 30 -11.33 -12.59 -27.19
C VAL A 30 -10.57 -12.50 -25.84
N ARG A 31 -9.55 -13.35 -25.70
CA ARG A 31 -8.71 -13.39 -24.51
CA ARG A 31 -8.70 -13.40 -24.52
C ARG A 31 -7.41 -12.62 -24.75
N LEU A 32 -7.03 -11.82 -23.76
CA LEU A 32 -5.81 -11.04 -23.79
C LEU A 32 -5.03 -11.41 -22.54
N THR A 33 -3.79 -11.86 -22.71
CA THR A 33 -2.93 -12.25 -21.57
C THR A 33 -2.12 -11.05 -21.05
N HIS A 34 -1.47 -11.22 -19.89
CA HIS A 34 -0.62 -10.16 -19.32
C HIS A 34 0.55 -9.77 -20.23
N ARG A 35 1.22 -10.79 -20.80
N ARG A 35 1.20 -10.78 -20.82
CA ARG A 35 2.31 -10.58 -21.76
CA ARG A 35 2.32 -10.52 -21.76
C ARG A 35 1.83 -9.77 -22.98
C ARG A 35 1.85 -9.78 -23.01
N ASP A 36 0.70 -10.18 -23.55
CA ASP A 36 0.14 -9.52 -24.74
C ASP A 36 -0.45 -8.16 -24.44
N TYR A 37 -0.95 -7.97 -23.21
CA TYR A 37 -1.45 -6.65 -22.82
C TYR A 37 -0.32 -5.63 -22.78
N LEU A 38 0.82 -6.02 -22.20
CA LEU A 38 1.97 -5.12 -22.12
C LEU A 38 2.46 -4.75 -23.53
N ALA A 39 2.55 -5.75 -24.41
CA ALA A 39 3.00 -5.55 -25.79
C ALA A 39 2.14 -4.58 -26.58
N ARG A 40 0.83 -4.78 -26.54
CA ARG A 40 -0.12 -3.85 -27.14
C ARG A 40 -0.06 -2.45 -26.56
N ALA A 41 -0.02 -2.35 -25.23
CA ALA A 41 0.06 -1.04 -24.58
C ALA A 41 1.35 -0.29 -24.96
N GLU A 42 2.48 -1.01 -25.02
CA GLU A 42 3.76 -0.42 -25.42
C GLU A 42 3.75 0.14 -26.85
N ARG A 43 3.10 -0.59 -27.77
CA ARG A 43 2.95 -0.16 -29.17
CA ARG A 43 2.95 -0.16 -29.17
CA ARG A 43 2.96 -0.15 -29.16
C ARG A 43 2.15 1.14 -29.27
N LEU A 44 0.99 1.16 -28.61
CA LEU A 44 0.14 2.35 -28.57
C LEU A 44 0.81 3.54 -27.87
N ALA A 45 1.62 3.26 -26.87
CA ALA A 45 2.37 4.30 -26.14
C ALA A 45 3.43 4.98 -27.03
N SER A 46 4.12 4.18 -27.85
CA SER A 46 5.05 4.72 -28.86
C SER A 46 4.33 5.60 -29.86
N GLY A 47 3.13 5.16 -30.26
CA GLY A 47 2.30 5.94 -31.16
C GLY A 47 1.85 7.26 -30.60
N LEU A 48 1.51 7.29 -29.31
CA LEU A 48 1.12 8.52 -28.63
C LEU A 48 2.31 9.49 -28.52
N LEU A 49 3.49 8.94 -28.22
CA LEU A 49 4.74 9.70 -28.18
C LEU A 49 5.02 10.29 -29.57
N ARG A 50 4.91 9.45 -30.60
CA ARG A 50 5.01 9.84 -32.01
C ARG A 50 4.07 11.00 -32.36
N ASP A 51 2.83 10.90 -31.93
CA ASP A 51 1.82 11.95 -32.15
C ASP A 51 2.08 13.23 -31.36
N GLY A 52 3.10 13.23 -30.51
CA GLY A 52 3.49 14.40 -29.73
C GLY A 52 2.80 14.56 -28.38
N VAL A 53 2.43 13.45 -27.76
CA VAL A 53 1.90 13.50 -26.39
C VAL A 53 3.08 13.40 -25.43
N HIS A 54 3.14 14.39 -24.54
CA HIS A 54 4.14 14.40 -23.48
C HIS A 54 3.47 14.13 -22.14
N THR A 55 4.29 13.94 -21.12
CA THR A 55 3.84 13.74 -19.75
CA THR A 55 3.81 13.71 -19.77
C THR A 55 2.94 14.91 -19.33
N GLY A 56 1.77 14.61 -18.77
CA GLY A 56 0.85 15.67 -18.31
C GLY A 56 -0.18 16.12 -19.33
N ASP A 57 0.00 15.75 -20.60
CA ASP A 57 -1.01 16.01 -21.65
C ASP A 57 -2.22 15.07 -21.52
N ARG A 58 -3.38 15.54 -21.94
CA ARG A 58 -4.57 14.72 -21.88
C ARG A 58 -4.80 13.91 -23.14
N VAL A 59 -5.22 12.66 -22.95
CA VAL A 59 -5.70 11.80 -24.03
C VAL A 59 -7.15 11.47 -23.74
N ALA A 60 -8.05 11.97 -24.58
CA ALA A 60 -9.50 11.78 -24.39
C ALA A 60 -10.05 10.57 -25.14
N ILE A 61 -11.05 9.94 -24.54
CA ILE A 61 -11.77 8.85 -25.16
C ILE A 61 -13.25 8.94 -24.81
N LEU A 62 -14.08 8.92 -25.85
CA LEU A 62 -15.52 8.81 -25.69
C LEU A 62 -15.94 7.49 -26.34
N SER A 63 -16.21 6.50 -25.51
CA SER A 63 -16.41 5.13 -25.97
C SER A 63 -17.04 4.25 -24.90
N GLN A 64 -17.79 3.26 -25.36
CA GLN A 64 -18.28 2.18 -24.50
C GLN A 64 -17.12 1.23 -24.24
N ASN A 65 -17.20 0.42 -23.19
CA ASN A 65 -16.10 -0.50 -22.85
C ASN A 65 -15.77 -1.44 -24.00
N CYS A 66 -14.50 -1.45 -24.40
CA CYS A 66 -13.99 -2.35 -25.45
C CYS A 66 -12.50 -2.56 -25.27
N SER A 67 -11.94 -3.51 -26.01
CA SER A 67 -10.52 -3.81 -25.89
C SER A 67 -9.61 -2.63 -26.25
N GLU A 68 -10.06 -1.76 -27.16
CA GLU A 68 -9.26 -0.60 -27.56
C GLU A 68 -9.12 0.40 -26.41
N MET A 69 -10.23 0.65 -25.70
CA MET A 69 -10.25 1.52 -24.53
C MET A 69 -9.33 1.03 -23.41
N ILE A 70 -9.39 -0.28 -23.15
CA ILE A 70 -8.61 -0.95 -22.11
C ILE A 70 -7.11 -0.84 -22.38
N GLU A 71 -6.70 -1.09 -23.64
CA GLU A 71 -5.27 -0.98 -23.95
C GLU A 71 -4.79 0.47 -24.04
N LEU A 72 -5.70 1.38 -24.40
CA LEU A 72 -5.41 2.82 -24.38
C LEU A 72 -5.14 3.35 -22.95
N ILE A 73 -5.95 2.91 -21.99
CA ILE A 73 -5.73 3.19 -20.56
C ILE A 73 -4.27 2.87 -20.16
N GLY A 74 -3.81 1.68 -20.54
CA GLY A 74 -2.43 1.25 -20.31
C GLY A 74 -1.40 2.12 -21.01
N ALA A 75 -1.67 2.44 -22.28
CA ALA A 75 -0.78 3.27 -23.11
C ALA A 75 -0.60 4.64 -22.48
N VAL A 76 -1.70 5.24 -22.07
CA VAL A 76 -1.67 6.51 -21.36
C VAL A 76 -0.83 6.43 -20.06
N ALA A 77 -1.06 5.39 -19.25
CA ALA A 77 -0.30 5.17 -18.01
C ALA A 77 1.21 5.07 -18.21
N LEU A 78 1.62 4.40 -19.30
CA LEU A 78 3.04 4.13 -19.61
C LEU A 78 3.87 5.37 -19.94
N ILE A 79 3.21 6.44 -20.40
CA ILE A 79 3.89 7.69 -20.72
C ILE A 79 3.58 8.85 -19.76
N GLY A 80 2.88 8.54 -18.67
CA GLY A 80 2.54 9.54 -17.66
C GLY A 80 1.63 10.63 -18.17
N ALA A 81 0.77 10.28 -19.13
CA ALA A 81 -0.22 11.21 -19.68
C ALA A 81 -1.48 11.11 -18.85
N ILE A 82 -2.46 11.96 -19.17
CA ILE A 82 -3.69 12.04 -18.38
C ILE A 82 -4.88 11.58 -19.21
N LEU A 83 -5.53 10.52 -18.75
CA LEU A 83 -6.71 10.00 -19.41
C LEU A 83 -7.90 10.90 -19.16
N LEU A 84 -8.66 11.17 -20.22
CA LEU A 84 -9.93 11.88 -20.07
C LEU A 84 -11.06 11.01 -20.63
N PRO A 85 -11.59 10.09 -19.80
CA PRO A 85 -12.65 9.19 -20.24
C PRO A 85 -13.97 9.93 -20.10
N VAL A 86 -14.64 10.12 -21.23
CA VAL A 86 -15.85 10.92 -21.22
C VAL A 86 -17.08 10.03 -20.96
N ASN A 87 -17.91 10.50 -20.03
CA ASN A 87 -19.20 9.91 -19.73
C ASN A 87 -20.13 10.02 -20.95
N TYR A 88 -20.40 8.89 -21.58
CA TYR A 88 -21.25 8.82 -22.77
C TYR A 88 -22.77 8.93 -22.52
N ARG A 89 -23.16 9.16 -21.27
CA ARG A 89 -24.56 9.43 -20.93
C ARG A 89 -24.83 10.92 -20.77
N LEU A 90 -23.87 11.75 -21.19
CA LEU A 90 -24.05 13.19 -21.20
C LEU A 90 -24.52 13.63 -22.58
N ASN A 91 -25.22 14.76 -22.65
CA ASN A 91 -25.63 15.32 -23.94
C ASN A 91 -24.46 15.97 -24.70
N ALA A 92 -24.70 16.37 -25.95
CA ALA A 92 -23.64 16.91 -26.80
C ALA A 92 -23.01 18.21 -26.28
N ASP A 93 -23.78 18.99 -25.50
CA ASP A 93 -23.28 20.24 -24.91
C ASP A 93 -22.32 19.94 -23.76
N GLU A 94 -22.74 19.04 -22.87
CA GLU A 94 -21.96 18.59 -21.72
C GLU A 94 -20.67 17.88 -22.15
N ILE A 95 -20.76 17.06 -23.18
CA ILE A 95 -19.58 16.38 -23.75
C ILE A 95 -18.59 17.42 -24.29
N ALA A 96 -19.12 18.42 -25.00
CA ALA A 96 -18.31 19.51 -25.52
C ALA A 96 -17.60 20.26 -24.40
N PHE A 97 -18.33 20.50 -23.30
CA PHE A 97 -17.74 21.14 -22.14
C PHE A 97 -16.59 20.29 -21.54
N VAL A 98 -16.86 19.00 -21.32
CA VAL A 98 -15.86 18.08 -20.75
C VAL A 98 -14.60 18.05 -21.59
N LEU A 99 -14.77 17.95 -22.90
CA LEU A 99 -13.64 17.87 -23.84
C LEU A 99 -12.84 19.17 -23.86
N GLY A 100 -13.55 20.29 -23.86
CA GLY A 100 -12.94 21.60 -23.78
C GLY A 100 -12.29 21.91 -22.44
N ASP A 101 -12.92 21.44 -21.36
CA ASP A 101 -12.35 21.59 -20.00
C ASP A 101 -11.06 20.78 -19.88
N GLY A 102 -11.07 19.56 -20.38
CA GLY A 102 -9.92 18.65 -20.33
C GLY A 102 -8.75 19.02 -21.24
N ALA A 103 -9.07 19.62 -22.38
CA ALA A 103 -8.08 20.08 -23.38
C ALA A 103 -7.10 19.01 -23.85
N PRO A 104 -7.61 17.95 -24.54
CA PRO A 104 -6.73 16.85 -24.92
C PRO A 104 -5.82 17.16 -26.11
N SER A 105 -4.68 16.48 -26.15
CA SER A 105 -3.78 16.51 -27.29
C SER A 105 -4.14 15.44 -28.33
N VAL A 106 -4.87 14.40 -27.90
CA VAL A 106 -5.36 13.32 -28.75
C VAL A 106 -6.78 12.98 -28.32
N VAL A 107 -7.68 12.85 -29.29
CA VAL A 107 -9.06 12.43 -29.07
C VAL A 107 -9.27 11.06 -29.71
N VAL A 108 -9.98 10.17 -29.01
CA VAL A 108 -10.35 8.86 -29.56
C VAL A 108 -11.87 8.72 -29.46
N ALA A 109 -12.51 8.48 -30.60
CA ALA A 109 -13.96 8.31 -30.65
C ALA A 109 -14.32 6.84 -30.73
N GLY A 110 -15.36 6.44 -30.01
CA GLY A 110 -15.90 5.08 -30.10
C GLY A 110 -16.64 4.88 -31.40
N THR A 111 -17.22 3.69 -31.58
CA THR A 111 -17.93 3.36 -32.82
C THR A 111 -19.19 4.21 -32.99
N ASP A 112 -19.95 4.33 -31.91
CA ASP A 112 -21.25 5.01 -31.92
C ASP A 112 -21.15 6.51 -31.65
N TYR A 113 -19.93 7.01 -31.49
CA TYR A 113 -19.74 8.38 -30.99
C TYR A 113 -18.92 9.26 -31.91
N ARG A 114 -18.58 8.72 -33.09
CA ARG A 114 -17.84 9.42 -34.14
C ARG A 114 -18.51 10.73 -34.61
N ASP A 115 -19.84 10.75 -34.61
CA ASP A 115 -20.61 11.96 -34.97
C ASP A 115 -20.46 13.10 -33.96
N ILE A 116 -20.84 12.83 -32.71
CA ILE A 116 -20.82 13.81 -31.63
C ILE A 116 -19.42 14.43 -31.44
N VAL A 117 -18.40 13.59 -31.54
CA VAL A 117 -17.00 14.00 -31.40
C VAL A 117 -16.56 14.91 -32.57
N ALA A 118 -16.98 14.56 -33.79
CA ALA A 118 -16.72 15.37 -35.00
C ALA A 118 -17.25 16.81 -34.87
N GLY A 119 -18.46 16.96 -34.32
CA GLY A 119 -19.02 18.28 -33.99
C GLY A 119 -18.18 19.11 -33.03
N VAL A 120 -17.62 18.47 -32.01
CA VAL A 120 -16.85 19.17 -30.96
C VAL A 120 -15.43 19.54 -31.44
N LEU A 121 -14.82 18.66 -32.21
CA LEU A 121 -13.41 18.77 -32.65
C LEU A 121 -12.87 20.11 -33.21
N PRO A 122 -13.66 20.85 -34.05
CA PRO A 122 -13.16 22.17 -34.46
C PRO A 122 -13.04 23.20 -33.32
N SER A 123 -13.79 23.02 -32.24
CA SER A 123 -13.72 23.92 -31.10
C SER A 123 -12.58 23.57 -30.12
N LEU A 124 -11.78 22.57 -30.47
CA LEU A 124 -10.66 22.16 -29.63
C LEU A 124 -9.33 22.63 -30.23
N GLY A 125 -8.49 23.22 -29.39
CA GLY A 125 -7.24 23.84 -29.81
C GLY A 125 -6.17 22.85 -30.24
N GLY A 126 -5.24 22.59 -29.33
CA GLY A 126 -4.05 21.79 -29.64
C GLY A 126 -4.25 20.28 -29.77
N VAL A 127 -5.43 19.86 -30.26
CA VAL A 127 -5.68 18.46 -30.60
C VAL A 127 -4.88 18.03 -31.85
N LYS A 128 -3.89 17.18 -31.62
CA LYS A 128 -2.88 16.84 -32.62
C LYS A 128 -3.30 15.72 -33.56
N LYS A 129 -3.97 14.71 -33.01
CA LYS A 129 -4.47 13.60 -33.80
C LYS A 129 -5.83 13.16 -33.26
N ALA A 130 -6.64 12.58 -34.14
CA ALA A 130 -7.95 12.08 -33.76
C ALA A 130 -8.10 10.70 -34.34
N TYR A 131 -8.74 9.80 -33.58
CA TYR A 131 -8.88 8.41 -34.01
C TYR A 131 -10.29 7.92 -33.77
N ALA A 132 -10.66 6.89 -34.54
CA ALA A 132 -11.93 6.21 -34.35
C ALA A 132 -11.71 4.71 -34.27
N ILE A 133 -12.54 4.07 -33.46
CA ILE A 133 -12.53 2.62 -33.31
C ILE A 133 -13.60 2.05 -34.27
N GLY A 134 -13.14 1.24 -35.22
CA GLY A 134 -13.95 0.82 -36.36
C GLY A 134 -13.17 1.21 -37.62
N ASP A 135 -13.51 2.36 -38.20
CA ASP A 135 -12.75 2.94 -39.31
C ASP A 135 -12.85 4.45 -39.32
N GLY A 136 -11.93 5.10 -40.04
CA GLY A 136 -11.80 6.56 -40.02
C GLY A 136 -12.75 7.37 -40.87
N SER A 137 -14.04 7.12 -40.71
CA SER A 137 -15.07 7.88 -41.43
C SER A 137 -15.26 9.27 -40.81
N GLY A 138 -14.65 10.27 -41.43
CA GLY A 138 -14.68 11.65 -40.95
C GLY A 138 -13.28 12.21 -40.73
N PRO A 139 -13.13 13.14 -39.77
CA PRO A 139 -11.83 13.76 -39.39
C PRO A 139 -10.83 12.81 -38.71
N PHE A 140 -11.26 11.58 -38.43
CA PHE A 140 -10.46 10.60 -37.69
C PHE A 140 -9.63 9.71 -38.58
N ALA A 141 -8.45 9.34 -38.08
CA ALA A 141 -7.68 8.21 -38.57
C ALA A 141 -8.30 6.93 -37.95
N PRO A 142 -8.03 5.74 -38.52
CA PRO A 142 -8.48 4.58 -37.77
C PRO A 142 -7.56 4.31 -36.57
N PHE A 143 -8.12 3.74 -35.51
CA PHE A 143 -7.39 3.48 -34.26
C PHE A 143 -6.11 2.68 -34.46
N LYS A 144 -6.12 1.77 -35.45
CA LYS A 144 -4.95 0.94 -35.78
C LYS A 144 -3.72 1.74 -36.23
N ASP A 145 -3.95 2.98 -36.66
CA ASP A 145 -2.86 3.88 -37.04
C ASP A 145 -2.09 4.42 -35.83
N LEU A 146 -2.71 4.36 -34.65
CA LEU A 146 -2.08 4.86 -33.43
C LEU A 146 -0.85 4.07 -33.07
N ALA A 147 -0.94 2.74 -33.15
CA ALA A 147 0.17 1.88 -32.78
C ALA A 147 1.42 2.15 -33.61
N SER A 148 2.59 2.07 -32.99
CA SER A 148 3.84 2.28 -33.66
C SER A 148 4.82 1.15 -33.40
N ASP A 149 5.72 0.92 -34.35
CA ASP A 149 6.74 -0.12 -34.23
C ASP A 149 8.06 0.41 -33.69
N THR A 150 8.16 1.73 -33.53
CA THR A 150 9.30 2.36 -32.86
C THR A 150 9.39 1.77 -31.46
N PRO A 151 10.54 1.15 -31.11
CA PRO A 151 10.71 0.60 -29.75
C PRO A 151 10.42 1.64 -28.68
N PHE A 152 9.66 1.24 -27.67
CA PHE A 152 9.14 2.14 -26.64
C PHE A 152 10.21 2.54 -25.62
N SER A 153 10.41 3.84 -25.46
CA SER A 153 11.27 4.37 -24.41
C SER A 153 10.44 5.31 -23.54
N ALA A 154 10.30 4.92 -22.27
CA ALA A 154 9.39 5.59 -21.34
C ALA A 154 9.92 6.96 -20.91
N PRO A 155 9.09 8.02 -21.00
CA PRO A 155 9.49 9.31 -20.44
C PRO A 155 9.60 9.29 -18.91
N GLU A 156 10.12 10.37 -18.34
CA GLU A 156 10.28 10.49 -16.90
C GLU A 156 8.99 11.03 -16.27
N PHE A 157 8.47 10.31 -15.28
CA PHE A 157 7.31 10.78 -14.49
C PHE A 157 7.22 9.99 -13.20
N GLY A 158 6.44 10.49 -12.25
CA GLY A 158 6.27 9.79 -10.97
C GLY A 158 4.85 9.35 -10.71
N ALA A 159 4.66 8.55 -9.67
CA ALA A 159 3.31 8.10 -9.30
C ALA A 159 2.37 9.23 -8.82
N ALA A 160 2.94 10.36 -8.37
CA ALA A 160 2.13 11.49 -7.90
C ALA A 160 1.57 12.35 -9.03
N ASP A 161 2.02 12.11 -10.25
CA ASP A 161 1.57 12.90 -11.39
C ASP A 161 0.09 12.57 -11.75
N GLY A 162 -0.62 13.53 -12.30
CA GLY A 162 -1.99 13.27 -12.74
C GLY A 162 -2.08 12.08 -13.68
N PHE A 163 -3.15 11.30 -13.53
CA PHE A 163 -3.39 10.15 -14.40
C PHE A 163 -4.76 10.16 -15.09
N VAL A 164 -5.79 10.62 -14.37
CA VAL A 164 -7.13 10.60 -14.93
C VAL A 164 -7.95 11.78 -14.41
N ILE A 165 -8.74 12.38 -15.30
CA ILE A 165 -9.70 13.42 -14.90
C ILE A 165 -11.11 12.80 -15.01
N ILE A 166 -11.79 12.71 -13.87
CA ILE A 166 -13.13 12.14 -13.82
C ILE A 166 -14.12 13.25 -13.50
N HIS A 167 -14.97 13.55 -14.47
CA HIS A 167 -15.95 14.61 -14.30
C HIS A 167 -17.21 14.05 -13.65
N THR A 168 -17.67 14.71 -12.59
CA THR A 168 -19.00 14.43 -12.03
C THR A 168 -19.74 15.75 -11.86
N ALA A 169 -21.01 15.76 -12.28
CA ALA A 169 -21.84 16.96 -12.33
C ALA A 169 -22.10 17.55 -10.94
N ALA A 170 -21.72 18.82 -10.76
CA ALA A 170 -21.90 19.54 -9.49
C ALA A 170 -23.21 20.34 -9.48
N GLY A 173 -25.41 21.98 -11.38
CA GLY A 173 -24.34 22.83 -11.90
C GLY A 173 -23.48 22.15 -12.96
N ARG A 174 -22.36 22.81 -13.28
CA ARG A 174 -21.40 22.35 -14.29
C ARG A 174 -20.67 21.06 -13.85
N PRO A 175 -20.27 20.20 -14.80
CA PRO A 175 -19.39 19.08 -14.42
C PRO A 175 -18.02 19.57 -13.94
N ARG A 176 -17.50 18.94 -12.88
CA ARG A 176 -16.23 19.32 -12.25
CA ARG A 176 -16.24 19.33 -12.28
C ARG A 176 -15.26 18.17 -12.36
N GLY A 177 -14.10 18.41 -12.96
CA GLY A 177 -13.15 17.33 -13.19
C GLY A 177 -12.23 17.01 -12.01
N ALA A 178 -12.29 15.78 -11.50
CA ALA A 178 -11.40 15.34 -10.41
C ALA A 178 -10.14 14.71 -10.96
N LEU A 179 -9.01 15.31 -10.62
CA LEU A 179 -7.71 14.84 -11.11
C LEU A 179 -7.15 13.87 -10.08
N ILE A 180 -6.91 12.65 -10.53
CA ILE A 180 -6.49 11.55 -9.66
C ILE A 180 -5.16 11.05 -10.20
N SER A 181 -4.22 10.76 -9.30
CA SER A 181 -2.89 10.31 -9.70
C SER A 181 -2.85 8.78 -9.82
N GLN A 182 -1.78 8.26 -10.43
CA GLN A 182 -1.57 6.80 -10.48
C GLN A 182 -1.41 6.22 -9.08
N GLY A 183 -0.61 6.91 -8.25
CA GLY A 183 -0.35 6.50 -6.87
C GLY A 183 -1.58 6.51 -6.00
N ASN A 184 -2.41 7.55 -6.15
CA ASN A 184 -3.74 7.60 -5.50
C ASN A 184 -4.44 6.26 -5.68
N LEU A 185 -4.62 5.85 -6.94
CA LEU A 185 -5.33 4.61 -7.28
C LEU A 185 -4.61 3.37 -6.78
N LEU A 186 -3.30 3.29 -7.01
CA LEU A 186 -2.59 2.08 -6.59
C LEU A 186 -2.71 1.86 -5.09
N ILE A 187 -2.49 2.92 -4.32
CA ILE A 187 -2.52 2.77 -2.87
C ILE A 187 -3.94 2.53 -2.36
N ALA A 188 -4.92 3.27 -2.90
CA ALA A 188 -6.33 3.04 -2.55
C ALA A 188 -6.75 1.59 -2.80
N GLN A 189 -6.39 1.07 -3.96
CA GLN A 189 -6.79 -0.26 -4.39
C GLN A 189 -6.02 -1.40 -3.75
N SER A 190 -4.84 -1.12 -3.19
CA SER A 190 -4.06 -2.14 -2.47
C SER A 190 -4.83 -2.68 -1.23
N SER A 191 -5.73 -1.84 -0.74
CA SER A 191 -6.57 -2.18 0.40
C SER A 191 -7.70 -3.12 0.02
N LEU A 192 -8.18 -3.00 -1.22
CA LEU A 192 -9.17 -3.92 -1.78
C LEU A 192 -8.56 -5.31 -2.04
N VAL A 193 -7.37 -5.33 -2.65
CA VAL A 193 -6.58 -6.57 -2.80
C VAL A 193 -6.47 -7.28 -1.45
N ASP A 194 -6.11 -6.54 -0.40
CA ASP A 194 -6.04 -7.11 0.96
C ASP A 194 -7.39 -7.59 1.52
N ALA A 195 -8.39 -6.72 1.52
CA ALA A 195 -9.70 -7.07 2.09
C ALA A 195 -10.34 -8.28 1.41
N TRP A 196 -10.17 -8.39 0.09
CA TRP A 196 -10.77 -9.47 -0.69
C TRP A 196 -9.82 -10.61 -0.97
N ARG A 197 -8.63 -10.59 -0.37
CA ARG A 197 -7.60 -11.63 -0.59
CA ARG A 197 -7.59 -11.63 -0.60
C ARG A 197 -7.35 -11.90 -2.08
N LEU A 198 -7.27 -10.84 -2.88
CA LEU A 198 -7.14 -11.01 -4.32
C LEU A 198 -5.78 -11.60 -4.70
N THR A 199 -5.80 -12.55 -5.63
CA THR A 199 -4.58 -13.14 -6.18
C THR A 199 -4.72 -13.15 -7.69
N GLU A 200 -3.72 -13.70 -8.37
CA GLU A 200 -3.75 -13.83 -9.82
C GLU A 200 -4.86 -14.79 -10.34
N ALA A 201 -5.45 -15.56 -9.44
CA ALA A 201 -6.53 -16.48 -9.78
C ALA A 201 -7.91 -15.81 -9.83
N ASP A 202 -8.01 -14.59 -9.30
CA ASP A 202 -9.31 -13.92 -9.19
C ASP A 202 -9.79 -13.33 -10.51
N VAL A 203 -11.10 -13.13 -10.60
CA VAL A 203 -11.74 -12.71 -11.84
C VAL A 203 -12.85 -11.70 -11.51
N ASN A 204 -12.77 -10.50 -12.07
CA ASN A 204 -13.79 -9.43 -11.86
C ASN A 204 -14.78 -9.46 -13.01
N LEU A 205 -16.06 -9.20 -12.73
CA LEU A 205 -16.99 -8.98 -13.81
C LEU A 205 -17.20 -7.49 -13.95
N GLY A 206 -16.53 -6.92 -14.95
CA GLY A 206 -16.55 -5.50 -15.20
C GLY A 206 -17.79 -5.06 -15.95
N MET A 207 -18.82 -4.74 -15.21
CA MET A 207 -20.10 -4.34 -15.80
C MET A 207 -20.34 -2.84 -15.79
N LEU A 208 -19.63 -2.14 -14.91
CA LEU A 208 -19.71 -0.69 -14.81
C LEU A 208 -18.85 -0.02 -15.88
N PRO A 209 -19.22 1.21 -16.30
CA PRO A 209 -18.44 1.84 -17.36
C PRO A 209 -17.03 2.21 -16.88
N LEU A 210 -16.04 2.04 -17.75
CA LEU A 210 -14.66 2.39 -17.46
C LEU A 210 -14.40 3.90 -17.33
N PHE A 211 -15.37 4.74 -17.68
CA PHE A 211 -15.24 6.17 -17.42
C PHE A 211 -15.50 6.52 -15.95
N HIS A 212 -16.18 5.60 -15.25
CA HIS A 212 -16.59 5.81 -13.87
C HIS A 212 -15.49 5.32 -12.94
N VAL A 213 -15.33 5.95 -11.77
CA VAL A 213 -14.25 5.57 -10.83
C VAL A 213 -14.28 4.09 -10.41
N THR A 214 -15.48 3.58 -10.12
CA THR A 214 -15.67 2.21 -9.66
C THR A 214 -15.32 1.18 -10.74
N GLY A 215 -15.75 1.47 -11.97
CA GLY A 215 -15.47 0.60 -13.08
C GLY A 215 -13.98 0.59 -13.39
N LEU A 216 -13.40 1.77 -13.56
CA LEU A 216 -11.95 1.88 -13.79
C LEU A 216 -11.17 1.27 -12.62
N GLY A 217 -11.60 1.61 -11.40
CA GLY A 217 -10.93 1.13 -10.20
C GLY A 217 -10.92 -0.37 -10.00
N LEU A 218 -12.08 -1.02 -10.23
CA LEU A 218 -12.14 -2.48 -10.17
C LEU A 218 -11.29 -3.19 -11.20
N MET A 219 -11.25 -2.68 -12.43
CA MET A 219 -10.35 -3.24 -13.44
C MET A 219 -8.87 -3.13 -13.02
N LEU A 220 -8.48 -1.92 -12.61
CA LEU A 220 -7.10 -1.67 -12.19
C LEU A 220 -6.76 -2.47 -10.93
N THR A 221 -7.70 -2.60 -10.01
CA THR A 221 -7.50 -3.51 -8.83
C THR A 221 -7.14 -4.96 -9.17
N LEU A 222 -7.88 -5.58 -10.10
CA LEU A 222 -7.63 -6.97 -10.47
C LEU A 222 -6.32 -7.07 -11.19
N GLN A 223 -6.04 -6.04 -12.00
CA GLN A 223 -4.77 -5.96 -12.68
C GLN A 223 -3.61 -5.84 -11.70
N GLN A 224 -3.74 -5.02 -10.66
CA GLN A 224 -2.64 -5.02 -9.68
C GLN A 224 -2.44 -6.34 -8.88
N ALA A 225 -3.49 -7.16 -8.76
CA ALA A 225 -3.37 -8.52 -8.20
C ALA A 225 -2.85 -9.54 -9.22
N GLY A 226 -2.80 -9.15 -10.49
CA GLY A 226 -2.43 -10.08 -11.56
C GLY A 226 -3.63 -10.92 -12.03
N GLY A 227 -4.82 -10.54 -11.58
CA GLY A 227 -6.02 -11.27 -11.93
C GLY A 227 -6.57 -10.78 -13.24
N ALA A 228 -7.85 -11.10 -13.49
CA ALA A 228 -8.48 -10.84 -14.76
C ALA A 228 -9.81 -10.08 -14.60
N SER A 229 -10.19 -9.33 -15.62
CA SER A 229 -11.54 -8.77 -15.72
C SER A 229 -12.26 -9.29 -16.98
N VAL A 230 -13.54 -9.62 -16.82
CA VAL A 230 -14.42 -9.84 -17.96
C VAL A 230 -15.09 -8.51 -18.24
N ILE A 231 -14.82 -7.94 -19.41
CA ILE A 231 -15.38 -6.64 -19.77
C ILE A 231 -16.36 -6.76 -20.93
N ALA A 232 -17.57 -6.23 -20.73
CA ALA A 232 -18.57 -6.13 -21.81
C ALA A 232 -18.99 -4.69 -22.06
N ALA A 233 -19.47 -4.43 -23.28
CA ALA A 233 -19.91 -3.09 -23.68
C ALA A 233 -21.22 -2.68 -23.03
N LYS A 234 -22.15 -3.63 -22.89
CA LYS A 234 -23.45 -3.35 -22.31
C LYS A 234 -23.83 -4.32 -21.21
N PHE A 235 -24.65 -3.87 -20.27
CA PHE A 235 -25.12 -4.73 -19.20
C PHE A 235 -26.35 -5.54 -19.63
N ASP A 236 -26.24 -6.86 -19.53
CA ASP A 236 -27.40 -7.73 -19.57
C ASP A 236 -27.34 -8.74 -18.42
N PRO A 237 -28.36 -8.74 -17.53
CA PRO A 237 -28.48 -9.57 -16.32
C PRO A 237 -28.26 -11.07 -16.56
N ALA A 238 -28.88 -11.60 -17.61
CA ALA A 238 -28.75 -13.00 -17.95
C ALA A 238 -27.40 -13.33 -18.55
N GLN A 239 -26.85 -12.42 -19.36
CA GLN A 239 -25.48 -12.59 -19.88
C GLN A 239 -24.45 -12.51 -18.74
N ALA A 240 -24.72 -11.65 -17.75
CA ALA A 240 -23.89 -11.50 -16.55
C ALA A 240 -23.81 -12.83 -15.80
N ALA A 241 -24.98 -13.42 -15.52
CA ALA A 241 -25.05 -14.73 -14.87
C ALA A 241 -24.28 -15.84 -15.63
N ARG A 242 -24.37 -15.83 -16.96
CA ARG A 242 -23.62 -16.75 -17.82
C ARG A 242 -22.12 -16.50 -17.77
N ASP A 243 -21.71 -15.23 -17.82
CA ASP A 243 -20.30 -14.85 -17.64
C ASP A 243 -19.73 -15.27 -16.29
N ILE A 244 -20.53 -15.09 -15.23
CA ILE A 244 -20.14 -15.50 -13.87
C ILE A 244 -19.85 -16.99 -13.80
N GLU A 245 -20.72 -17.81 -14.38
CA GLU A 245 -20.46 -19.24 -14.45
C GLU A 245 -19.37 -19.62 -15.45
N ALA A 246 -19.40 -19.04 -16.65
CA ALA A 246 -18.45 -19.42 -17.69
C ALA A 246 -17.01 -19.08 -17.31
N HIS A 247 -16.80 -17.88 -16.77
CA HIS A 247 -15.44 -17.40 -16.47
C HIS A 247 -15.05 -17.55 -15.00
N LYS A 248 -15.94 -18.11 -14.19
CA LYS A 248 -15.73 -18.30 -12.75
C LYS A 248 -15.37 -16.98 -12.07
N VAL A 249 -16.18 -15.97 -12.35
CA VAL A 249 -16.07 -14.65 -11.72
C VAL A 249 -16.07 -14.83 -10.20
N THR A 250 -15.10 -14.21 -9.52
CA THR A 250 -15.05 -14.29 -8.06
C THR A 250 -15.53 -13.00 -7.39
N VAL A 251 -15.36 -11.86 -8.06
CA VAL A 251 -15.70 -10.56 -7.47
C VAL A 251 -16.38 -9.61 -8.44
N MET A 252 -17.15 -8.65 -7.93
CA MET A 252 -17.73 -7.60 -8.76
C MET A 252 -18.25 -6.39 -7.97
N ALA A 253 -18.31 -5.25 -8.65
CA ALA A 253 -18.99 -4.10 -8.11
C ALA A 253 -20.23 -3.84 -8.95
N GLU A 254 -21.22 -3.21 -8.34
CA GLU A 254 -22.56 -3.20 -8.87
C GLU A 254 -23.29 -1.99 -8.30
N PHE A 255 -24.14 -1.35 -9.09
CA PHE A 255 -25.12 -0.41 -8.52
C PHE A 255 -26.55 -0.90 -8.78
N ALA A 256 -27.40 -0.81 -7.76
CA ALA A 256 -28.82 -1.12 -7.87
C ALA A 256 -29.42 -0.47 -9.13
N PRO A 257 -30.24 -1.22 -9.88
CA PRO A 257 -30.77 -2.56 -9.60
C PRO A 257 -30.02 -3.74 -10.22
N MET A 258 -28.77 -3.56 -10.65
CA MET A 258 -27.98 -4.64 -11.29
C MET A 258 -27.98 -5.98 -10.57
N LEU A 259 -27.66 -5.99 -9.27
CA LEU A 259 -27.59 -7.25 -8.52
C LEU A 259 -28.95 -7.91 -8.38
N GLY A 260 -29.98 -7.11 -8.11
CA GLY A 260 -31.36 -7.58 -8.05
C GLY A 260 -31.76 -8.27 -9.35
N ASN A 261 -31.42 -7.63 -10.47
CA ASN A 261 -31.74 -8.18 -11.79
C ASN A 261 -30.94 -9.43 -12.16
N ILE A 262 -29.68 -9.52 -11.73
CA ILE A 262 -28.92 -10.75 -11.90
C ILE A 262 -29.54 -11.87 -11.08
N LEU A 263 -29.97 -11.55 -9.86
CA LEU A 263 -30.54 -12.55 -8.95
C LEU A 263 -31.85 -13.15 -9.50
N ASP A 264 -32.61 -12.32 -10.22
CA ASP A 264 -33.82 -12.71 -10.92
C ASP A 264 -33.51 -13.75 -12.02
N GLN A 265 -32.49 -13.45 -12.81
CA GLN A 265 -32.14 -14.24 -13.99
C GLN A 265 -31.19 -15.40 -13.76
N ALA A 266 -30.69 -15.52 -12.55
CA ALA A 266 -29.67 -16.51 -12.30
C ALA A 266 -30.15 -17.66 -11.44
N ALA A 267 -29.72 -18.85 -11.83
CA ALA A 267 -29.81 -19.99 -10.95
C ALA A 267 -28.68 -19.82 -9.96
N PRO A 268 -28.97 -20.02 -8.65
CA PRO A 268 -27.94 -20.01 -7.61
C PRO A 268 -26.68 -20.79 -7.95
N ALA A 269 -26.81 -21.87 -8.72
CA ALA A 269 -25.66 -22.67 -9.13
C ALA A 269 -24.73 -21.95 -10.16
N GLN A 270 -25.28 -21.00 -10.93
CA GLN A 270 -24.46 -20.18 -11.83
C GLN A 270 -23.54 -19.21 -11.08
N LEU A 271 -23.96 -18.82 -9.88
CA LEU A 271 -23.25 -17.81 -9.10
C LEU A 271 -22.31 -18.40 -8.05
N ALA A 272 -22.09 -19.72 -8.12
CA ALA A 272 -21.32 -20.43 -7.09
C ALA A 272 -19.89 -19.94 -6.88
N SER A 273 -19.26 -19.37 -7.92
CA SER A 273 -17.88 -18.87 -7.84
C SER A 273 -17.75 -17.51 -7.15
N LEU A 274 -18.84 -16.74 -7.06
CA LEU A 274 -18.80 -15.44 -6.40
C LEU A 274 -18.32 -15.54 -4.95
N ARG A 275 -17.41 -14.65 -4.58
CA ARG A 275 -16.86 -14.60 -3.22
C ARG A 275 -17.15 -13.24 -2.60
N ALA A 276 -16.98 -12.16 -3.38
CA ALA A 276 -17.12 -10.82 -2.83
C ALA A 276 -17.81 -9.84 -3.77
N VAL A 277 -18.79 -9.11 -3.24
CA VAL A 277 -19.53 -8.14 -4.03
C VAL A 277 -19.64 -6.83 -3.23
N THR A 278 -19.59 -5.70 -3.93
CA THR A 278 -19.72 -4.38 -3.29
C THR A 278 -20.48 -3.41 -4.21
N GLY A 279 -20.78 -2.22 -3.68
CA GLY A 279 -21.43 -1.16 -4.43
C GLY A 279 -22.52 -0.49 -3.64
N LEU A 280 -23.52 0.05 -4.34
CA LEU A 280 -24.65 0.70 -3.70
C LEU A 280 -25.89 -0.14 -3.89
N ASP A 281 -26.46 -0.60 -2.79
CA ASP A 281 -27.68 -1.42 -2.84
C ASP A 281 -28.51 -1.34 -1.57
N THR A 282 -29.78 -1.73 -1.70
CA THR A 282 -30.73 -1.77 -0.59
C THR A 282 -30.43 -2.96 0.31
N PRO A 283 -30.67 -2.82 1.63
CA PRO A 283 -30.65 -3.93 2.60
C PRO A 283 -31.40 -5.20 2.15
N GLU A 284 -32.56 -5.02 1.52
CA GLU A 284 -33.36 -6.11 0.98
C GLU A 284 -32.58 -6.96 -0.03
N THR A 285 -32.05 -6.32 -1.07
CA THR A 285 -31.26 -7.01 -2.11
C THR A 285 -29.98 -7.63 -1.56
N ILE A 286 -29.31 -6.91 -0.66
CA ILE A 286 -28.08 -7.43 -0.04
C ILE A 286 -28.37 -8.70 0.75
N GLU A 287 -29.44 -8.67 1.54
CA GLU A 287 -29.82 -9.82 2.35
C GLU A 287 -30.29 -10.99 1.49
N ARG A 288 -31.06 -10.68 0.44
CA ARG A 288 -31.41 -11.67 -0.58
C ARG A 288 -30.16 -12.32 -1.21
N PHE A 289 -29.22 -11.49 -1.66
CA PHE A 289 -27.98 -11.98 -2.27
C PHE A 289 -27.20 -12.91 -1.36
N GLU A 290 -27.07 -12.51 -0.09
CA GLU A 290 -26.30 -13.30 0.87
C GLU A 290 -27.03 -14.61 1.22
N ALA A 291 -28.36 -14.58 1.18
CA ALA A 291 -29.20 -15.79 1.28
C ALA A 291 -28.96 -16.75 0.12
N THR A 292 -29.02 -16.23 -1.11
CA THR A 292 -28.78 -17.02 -2.34
C THR A 292 -27.37 -17.60 -2.38
N CYS A 293 -26.38 -16.81 -1.99
CA CYS A 293 -24.97 -17.22 -2.09
C CYS A 293 -24.33 -17.23 -0.71
N PRO A 294 -24.42 -18.36 0.01
CA PRO A 294 -23.93 -18.48 1.39
C PRO A 294 -22.41 -18.36 1.54
N ASN A 295 -21.66 -18.60 0.47
CA ASN A 295 -20.21 -18.46 0.51
C ASN A 295 -19.69 -17.09 0.06
N ALA A 296 -20.61 -16.17 -0.20
CA ALA A 296 -20.27 -14.83 -0.65
C ALA A 296 -20.58 -13.79 0.42
N THR A 297 -19.87 -12.66 0.33
CA THR A 297 -20.01 -11.59 1.28
C THR A 297 -20.28 -10.34 0.49
N PHE A 298 -21.34 -9.63 0.83
CA PHE A 298 -21.51 -8.27 0.36
C PHE A 298 -20.76 -7.28 1.25
N TRP A 299 -20.04 -6.36 0.63
CA TRP A 299 -19.24 -5.37 1.35
C TRP A 299 -19.84 -3.98 1.25
N ALA A 300 -20.20 -3.46 2.43
CA ALA A 300 -20.65 -2.10 2.61
C ALA A 300 -19.49 -1.14 2.37
N THR A 301 -19.78 -0.01 1.74
CA THR A 301 -18.75 0.92 1.31
C THR A 301 -19.22 2.35 1.18
N PHE A 302 -18.28 3.27 1.41
CA PHE A 302 -18.46 4.65 1.00
C PHE A 302 -17.19 5.10 0.27
N GLY A 303 -17.36 5.87 -0.79
CA GLY A 303 -16.26 6.56 -1.43
C GLY A 303 -16.75 7.47 -2.54
N GLN A 304 -15.81 8.16 -3.19
CA GLN A 304 -16.09 9.02 -4.33
C GLN A 304 -14.79 9.13 -5.12
N SER A 305 -14.84 9.80 -6.27
CA SER A 305 -13.67 9.92 -7.13
CA SER A 305 -13.68 9.95 -7.15
C SER A 305 -12.57 10.71 -6.43
N GLU A 306 -12.95 11.73 -5.67
CA GLU A 306 -12.00 12.56 -4.93
C GLU A 306 -11.22 11.78 -3.85
N THR A 307 -11.74 10.61 -3.48
CA THR A 307 -11.07 9.73 -2.50
C THR A 307 -10.53 8.49 -3.22
N SER A 308 -10.33 8.61 -4.53
CA SER A 308 -9.81 7.54 -5.37
C SER A 308 -10.61 6.23 -5.30
N GLY A 309 -11.92 6.34 -5.10
CA GLY A 309 -12.79 5.17 -4.93
C GLY A 309 -13.10 4.95 -3.47
N LEU A 310 -13.07 3.69 -3.04
CA LEU A 310 -13.40 3.29 -1.65
C LEU A 310 -12.59 3.94 -0.52
N SER A 311 -13.30 4.46 0.47
CA SER A 311 -12.68 5.03 1.67
C SER A 311 -12.94 4.20 2.93
N THR A 312 -14.20 3.82 3.13
CA THR A 312 -14.62 2.93 4.22
C THR A 312 -15.16 1.65 3.60
N PHE A 313 -15.02 0.53 4.31
CA PHE A 313 -15.26 -0.79 3.77
C PHE A 313 -15.39 -1.80 4.92
N ALA A 314 -16.40 -2.68 4.84
CA ALA A 314 -16.55 -3.79 5.77
C ALA A 314 -17.61 -4.77 5.27
N PRO A 315 -17.54 -6.05 5.69
CA PRO A 315 -18.68 -6.95 5.40
C PRO A 315 -19.96 -6.32 5.93
N TYR A 316 -21.00 -6.27 5.10
CA TYR A 316 -22.30 -5.74 5.48
C TYR A 316 -22.83 -6.36 6.79
N ARG A 317 -22.63 -7.67 6.96
CA ARG A 317 -23.15 -8.39 8.13
C ARG A 317 -22.54 -7.96 9.46
N ASP A 318 -21.34 -7.38 9.41
CA ASP A 318 -20.64 -6.88 10.60
C ASP A 318 -21.32 -5.66 11.21
N ARG A 319 -21.98 -4.87 10.35
CA ARG A 319 -22.74 -3.70 10.76
C ARG A 319 -23.70 -3.30 9.65
N PRO A 320 -24.90 -3.95 9.60
CA PRO A 320 -25.92 -3.66 8.58
C PRO A 320 -26.30 -2.20 8.48
N LYS A 321 -26.54 -1.77 7.25
CA LYS A 321 -26.84 -0.37 6.90
C LYS A 321 -25.69 0.65 7.07
N SER A 322 -24.54 0.24 7.61
CA SER A 322 -23.36 1.12 7.66
C SER A 322 -22.62 1.17 6.31
N ALA A 323 -21.59 2.01 6.23
CA ALA A 323 -20.74 2.11 5.06
C ALA A 323 -19.40 1.44 5.33
N GLY A 324 -19.32 0.74 6.46
CA GLY A 324 -18.08 0.08 6.89
C GLY A 324 -17.13 0.92 7.75
N ARG A 325 -15.95 0.38 7.95
CA ARG A 325 -14.92 1.05 8.72
CA ARG A 325 -14.89 1.02 8.73
C ARG A 325 -13.87 1.64 7.79
N PRO A 326 -13.28 2.80 8.16
CA PRO A 326 -12.18 3.40 7.37
C PRO A 326 -11.07 2.38 7.05
N LEU A 327 -10.66 2.33 5.80
CA LEU A 327 -9.57 1.43 5.40
C LEU A 327 -8.23 1.98 5.88
N PHE A 328 -7.23 1.11 5.97
CA PHE A 328 -5.86 1.57 6.13
C PHE A 328 -5.54 2.57 4.99
N TRP A 329 -4.64 3.51 5.26
CA TRP A 329 -4.30 4.69 4.41
C TRP A 329 -5.26 5.86 4.48
N ARG A 330 -6.39 5.70 5.17
CA ARG A 330 -7.44 6.73 5.20
C ARG A 330 -7.64 7.17 6.64
N THR A 331 -7.52 8.46 6.94
CA THR A 331 -8.08 8.89 8.21
C THR A 331 -9.33 9.67 7.90
N VAL A 332 -10.42 9.19 8.50
CA VAL A 332 -11.76 9.68 8.25
C VAL A 332 -12.27 10.28 9.54
N ALA A 333 -12.87 11.45 9.44
CA ALA A 333 -13.54 12.06 10.57
C ALA A 333 -14.86 12.58 10.09
N VAL A 334 -15.68 12.96 11.06
CA VAL A 334 -16.92 13.66 10.83
C VAL A 334 -16.77 14.95 11.63
N VAL A 335 -16.98 16.09 10.96
CA VAL A 335 -16.72 17.40 11.56
C VAL A 335 -17.94 18.31 11.50
N ASP A 336 -17.96 19.32 12.37
CA ASP A 336 -18.95 20.42 12.28
C ASP A 336 -18.55 21.45 11.22
N ALA A 337 -19.31 22.54 11.15
CA ALA A 337 -19.12 23.58 10.12
C ALA A 337 -17.77 24.33 10.19
N GLU A 338 -17.13 24.31 11.36
CA GLU A 338 -15.76 24.88 11.48
C GLU A 338 -14.68 23.81 11.69
N ASP A 339 -14.90 22.63 11.09
CA ASP A 339 -13.92 21.52 11.04
C ASP A 339 -13.42 20.96 12.36
N ARG A 340 -14.25 21.07 13.40
CA ARG A 340 -13.97 20.40 14.67
C ARG A 340 -14.61 19.02 14.62
N PRO A 341 -13.84 17.98 14.96
CA PRO A 341 -14.32 16.60 14.96
C PRO A 341 -15.43 16.38 15.98
N LEU A 342 -16.52 15.75 15.55
CA LEU A 342 -17.68 15.48 16.39
C LEU A 342 -17.53 14.15 17.13
N PRO A 343 -18.23 13.99 18.27
CA PRO A 343 -18.22 12.72 19.00
C PRO A 343 -19.00 11.61 18.27
N PRO A 344 -18.74 10.32 18.61
CA PRO A 344 -19.58 9.24 18.08
C PRO A 344 -21.07 9.54 18.18
N GLY A 345 -21.80 9.34 17.10
CA GLY A 345 -23.24 9.55 17.08
C GLY A 345 -23.70 10.79 16.36
N GLU A 346 -22.93 11.87 16.43
CA GLU A 346 -23.33 13.13 15.81
C GLU A 346 -23.07 13.21 14.30
N VAL A 347 -24.06 13.72 13.56
CA VAL A 347 -23.95 13.93 12.11
C VAL A 347 -23.12 15.19 11.75
N GLY A 348 -22.21 15.04 10.79
CA GLY A 348 -21.40 16.15 10.30
C GLY A 348 -20.86 15.81 8.94
N GLU A 349 -19.95 16.64 8.42
CA GLU A 349 -19.38 16.36 7.10
C GLU A 349 -18.24 15.35 7.21
N ILE A 350 -18.29 14.34 6.34
CA ILE A 350 -17.24 13.32 6.21
C ILE A 350 -16.01 13.98 5.59
N VAL A 351 -14.89 13.87 6.27
CA VAL A 351 -13.63 14.46 5.82
C VAL A 351 -12.53 13.39 5.77
N LEU A 352 -11.54 13.58 4.92
CA LEU A 352 -10.50 12.59 4.74
C LEU A 352 -9.10 13.20 4.68
N ARG A 353 -8.12 12.45 5.18
CA ARG A 353 -6.71 12.75 5.01
C ARG A 353 -5.98 11.50 4.55
N GLY A 354 -4.86 11.70 3.85
CA GLY A 354 -3.99 10.60 3.46
C GLY A 354 -3.75 10.51 1.96
N PRO A 355 -2.98 9.51 1.51
CA PRO A 355 -2.51 9.45 0.12
C PRO A 355 -3.56 9.01 -0.90
N THR A 356 -4.80 8.77 -0.45
CA THR A 356 -5.92 8.43 -1.37
C THR A 356 -6.72 9.66 -1.78
N VAL A 357 -6.49 10.78 -1.08
CA VAL A 357 -7.03 12.08 -1.47
C VAL A 357 -6.48 12.49 -2.83
N PHE A 358 -7.38 12.87 -3.73
CA PHE A 358 -7.04 13.28 -5.09
C PHE A 358 -6.20 14.57 -5.17
N LYS A 359 -5.71 14.89 -6.36
CA LYS A 359 -4.83 16.05 -6.54
C LYS A 359 -5.58 17.38 -6.47
N GLY A 360 -6.85 17.39 -6.84
CA GLY A 360 -7.63 18.63 -6.86
C GLY A 360 -8.52 18.66 -8.10
N TYR A 361 -9.31 19.71 -8.24
CA TYR A 361 -10.26 19.82 -9.37
C TYR A 361 -9.61 20.51 -10.56
N TRP A 362 -9.61 19.84 -11.71
CA TRP A 362 -9.09 20.41 -12.95
C TRP A 362 -9.73 21.76 -13.27
N ASN A 363 -8.88 22.76 -13.56
CA ASN A 363 -9.31 24.14 -13.93
C ASN A 363 -10.15 24.89 -12.89
N ASN A 364 -10.04 24.52 -11.62
CA ASN A 364 -10.93 25.07 -10.60
C ASN A 364 -10.26 25.27 -9.24
N ALA A 365 -9.44 26.32 -9.12
CA ALA A 365 -8.76 26.66 -7.86
C ALA A 365 -9.74 26.88 -6.70
N ALA A 366 -10.89 27.50 -6.98
CA ALA A 366 -11.94 27.77 -5.97
C ALA A 366 -12.49 26.50 -5.36
N ALA A 367 -12.94 25.58 -6.21
CA ALA A 367 -13.48 24.30 -5.75
C ALA A 367 -12.47 23.47 -4.94
N THR A 368 -11.21 23.48 -5.39
CA THR A 368 -10.11 22.79 -4.69
C THR A 368 -9.82 23.36 -3.30
N GLN A 369 -9.78 24.68 -3.23
CA GLN A 369 -9.52 25.41 -2.01
C GLN A 369 -10.62 25.16 -0.98
N HIS A 370 -11.87 25.10 -1.47
CA HIS A 370 -13.02 24.72 -0.66
C HIS A 370 -12.92 23.27 -0.17
N ALA A 371 -12.58 22.34 -1.07
CA ALA A 371 -12.46 20.91 -0.73
C ALA A 371 -11.39 20.68 0.30
N PHE A 372 -10.32 21.48 0.26
CA PHE A 372 -9.14 21.21 1.08
C PHE A 372 -9.02 22.13 2.29
N ARG A 373 -10.08 22.87 2.62
CA ARG A 373 -10.01 23.85 3.70
C ARG A 373 -9.61 23.20 5.02
N ASN A 374 -8.78 23.90 5.78
CA ASN A 374 -8.24 23.43 7.06
C ASN A 374 -7.50 22.08 7.05
N GLY A 375 -6.94 21.73 5.89
CA GLY A 375 -6.10 20.53 5.75
C GLY A 375 -6.83 19.19 5.82
N TRP A 376 -8.13 19.19 5.53
CA TRP A 376 -8.93 17.99 5.40
C TRP A 376 -9.55 18.03 4.03
N HIS A 377 -9.61 16.89 3.36
CA HIS A 377 -10.45 16.81 2.17
C HIS A 377 -11.94 16.69 2.59
N HIS A 378 -12.79 17.51 1.99
CA HIS A 378 -14.21 17.53 2.35
C HIS A 378 -15.01 16.84 1.25
N THR A 379 -15.81 15.85 1.65
CA THR A 379 -16.46 14.98 0.68
C THR A 379 -17.72 15.57 0.09
N GLY A 380 -18.28 16.58 0.77
CA GLY A 380 -19.61 17.08 0.41
C GLY A 380 -20.72 16.19 0.94
N ASP A 381 -20.35 15.17 1.71
CA ASP A 381 -21.28 14.17 2.22
C ASP A 381 -21.37 14.20 3.75
N MET A 382 -22.57 13.87 4.24
CA MET A 382 -22.86 13.86 5.67
C MET A 382 -22.85 12.44 6.20
N GLY A 383 -22.56 12.30 7.49
CA GLY A 383 -22.50 10.99 8.10
C GLY A 383 -22.22 11.04 9.59
N ARG A 384 -22.26 9.88 10.23
CA ARG A 384 -21.94 9.78 11.65
C ARG A 384 -21.18 8.48 11.90
N PHE A 385 -20.37 8.47 12.95
CA PHE A 385 -19.71 7.26 13.37
C PHE A 385 -20.44 6.66 14.56
N ASP A 386 -20.37 5.34 14.68
CA ASP A 386 -20.84 4.69 15.89
C ASP A 386 -19.65 4.47 16.81
N ALA A 387 -19.88 3.86 17.98
CA ALA A 387 -18.82 3.66 18.97
C ALA A 387 -17.70 2.76 18.47
N ASP A 388 -18.02 1.87 17.53
CA ASP A 388 -17.04 0.93 16.98
C ASP A 388 -16.29 1.44 15.72
N GLY A 389 -16.56 2.69 15.34
CA GLY A 389 -15.90 3.31 14.21
C GLY A 389 -16.47 2.91 12.85
N TYR A 390 -17.73 2.47 12.83
CA TYR A 390 -18.46 2.27 11.59
C TYR A 390 -19.12 3.57 11.17
N LEU A 391 -19.05 3.88 9.87
CA LEU A 391 -19.64 5.10 9.34
C LEU A 391 -21.02 4.83 8.82
N PHE A 392 -21.95 5.75 9.09
CA PHE A 392 -23.28 5.68 8.53
C PHE A 392 -23.47 6.87 7.62
N TYR A 393 -23.75 6.61 6.35
CA TYR A 393 -24.00 7.67 5.38
C TYR A 393 -25.34 8.39 5.67
N ALA A 394 -25.31 9.71 5.69
CA ALA A 394 -26.49 10.50 6.06
C ALA A 394 -26.95 11.52 4.99
N GLY A 395 -26.56 11.30 3.74
CA GLY A 395 -26.94 12.21 2.64
C GLY A 395 -25.91 13.27 2.26
N ARG A 396 -26.25 14.07 1.26
CA ARG A 396 -25.46 15.21 0.82
C ARG A 396 -25.53 16.39 1.81
N ALA A 397 -24.58 17.32 1.72
CA ALA A 397 -24.45 18.43 2.68
C ALA A 397 -25.50 19.53 2.51
N SER B 2 0.44 18.30 4.35
CA SER B 2 0.33 16.92 4.88
C SER B 2 -1.10 16.38 4.92
N LEU B 3 -2.03 17.13 4.33
CA LEU B 3 -3.35 16.61 3.94
C LEU B 3 -3.23 15.22 3.27
N HIS B 4 -2.21 15.01 2.46
CA HIS B 4 -2.00 13.72 1.79
C HIS B 4 -1.15 12.70 2.56
N ASP B 5 -0.79 13.00 3.80
CA ASP B 5 0.07 12.09 4.56
C ASP B 5 -0.70 11.13 5.45
N PHE B 6 -0.20 9.90 5.51
CA PHE B 6 -0.62 8.87 6.45
C PHE B 6 0.66 8.28 7.05
N THR B 7 0.89 8.56 8.33
CA THR B 7 2.16 8.16 8.96
C THR B 7 1.89 7.11 10.04
N LEU B 8 2.94 6.70 10.76
CA LEU B 8 2.76 5.82 11.93
C LEU B 8 1.84 6.42 12.97
N ALA B 9 1.84 7.74 13.08
CA ALA B 9 0.96 8.44 14.01
C ALA B 9 -0.48 8.13 13.69
N ASP B 10 -0.82 8.14 12.39
CA ASP B 10 -2.16 7.81 11.93
C ASP B 10 -2.54 6.35 12.21
N VAL B 11 -1.55 5.45 12.17
CA VAL B 11 -1.76 4.06 12.57
C VAL B 11 -2.17 3.95 14.04
N TYR B 12 -1.43 4.63 14.93
CA TYR B 12 -1.74 4.60 16.37
C TYR B 12 -3.12 5.14 16.67
N ARG B 13 -3.49 6.22 15.99
CA ARG B 13 -4.80 6.83 16.19
CA ARG B 13 -4.80 6.86 16.14
C ARG B 13 -5.90 5.97 15.56
N ARG B 14 -5.57 5.28 14.47
CA ARG B 14 -6.49 4.32 13.87
C ARG B 14 -6.78 3.17 14.83
N ASN B 15 -5.73 2.57 15.38
CA ASN B 15 -5.85 1.44 16.27
C ASN B 15 -6.59 1.79 17.55
N ALA B 16 -6.37 3.00 18.06
CA ALA B 16 -7.06 3.47 19.26
C ALA B 16 -8.54 3.72 18.96
N ALA B 17 -8.84 4.16 17.74
CA ALA B 17 -10.23 4.39 17.31
C ALA B 17 -10.99 3.09 17.05
N LEU B 18 -10.34 2.12 16.38
CA LEU B 18 -11.05 0.91 15.93
C LEU B 18 -10.89 -0.29 16.84
N PHE B 19 -9.72 -0.44 17.45
CA PHE B 19 -9.43 -1.57 18.34
C PHE B 19 -8.90 -1.13 19.72
N PRO B 20 -9.60 -0.21 20.42
CA PRO B 20 -8.96 0.41 21.60
C PRO B 20 -8.56 -0.58 22.71
N ASP B 21 -9.36 -1.62 22.93
CA ASP B 21 -9.13 -2.53 24.06
C ASP B 21 -8.39 -3.81 23.71
N ARG B 22 -8.02 -3.97 22.44
CA ARG B 22 -7.17 -5.09 22.03
C ARG B 22 -5.73 -4.85 22.45
N THR B 23 -5.01 -5.95 22.69
CA THR B 23 -3.58 -5.89 23.00
C THR B 23 -2.81 -5.31 21.82
N ALA B 24 -1.95 -4.35 22.12
CA ALA B 24 -0.91 -3.92 21.20
C ALA B 24 0.37 -4.68 21.51
N PHE B 25 0.71 -4.80 22.79
CA PHE B 25 2.01 -5.40 23.20
C PHE B 25 1.95 -6.20 24.50
N MET B 26 2.70 -7.29 24.55
CA MET B 26 2.98 -8.01 25.78
C MET B 26 4.48 -8.05 25.97
N VAL B 27 4.98 -7.22 26.89
CA VAL B 27 6.42 -7.15 27.11
C VAL B 27 6.77 -7.73 28.47
N ASP B 28 7.18 -8.99 28.45
CA ASP B 28 7.42 -9.82 29.63
C ASP B 28 6.16 -9.89 30.51
N GLY B 29 5.04 -10.27 29.88
CA GLY B 29 3.75 -10.37 30.56
C GLY B 29 2.99 -9.09 30.84
N VAL B 30 3.65 -7.94 30.66
CA VAL B 30 3.03 -6.61 30.81
C VAL B 30 2.26 -6.24 29.54
N ARG B 31 0.93 -6.14 29.69
CA ARG B 31 0.03 -5.91 28.57
CA ARG B 31 0.02 -5.91 28.57
C ARG B 31 -0.19 -4.41 28.32
N LEU B 32 -0.24 -4.03 27.03
CA LEU B 32 -0.55 -2.65 26.61
C LEU B 32 -1.61 -2.68 25.51
N THR B 33 -2.72 -1.99 25.71
CA THR B 33 -3.76 -1.94 24.68
C THR B 33 -3.45 -0.85 23.64
N HIS B 34 -4.18 -0.83 22.52
CA HIS B 34 -3.97 0.18 21.49
C HIS B 34 -4.29 1.58 21.96
N ARG B 35 -5.32 1.71 22.80
CA ARG B 35 -5.69 3.00 23.37
C ARG B 35 -4.62 3.50 24.35
N ASP B 36 -4.18 2.60 25.21
CA ASP B 36 -3.17 2.93 26.20
C ASP B 36 -1.84 3.25 25.57
N TYR B 37 -1.47 2.51 24.51
CA TYR B 37 -0.22 2.74 23.80
C TYR B 37 -0.17 4.15 23.23
N LEU B 38 -1.28 4.59 22.62
CA LEU B 38 -1.39 5.96 22.11
C LEU B 38 -1.25 7.00 23.24
N ALA B 39 -1.99 6.79 24.32
CA ALA B 39 -1.91 7.64 25.51
C ALA B 39 -0.47 7.79 25.99
N ARG B 40 0.24 6.67 26.13
CA ARG B 40 1.62 6.66 26.60
C ARG B 40 2.58 7.31 25.61
N ALA B 41 2.51 6.92 24.33
CA ALA B 41 3.36 7.52 23.29
C ALA B 41 3.21 9.04 23.20
N GLU B 42 1.98 9.56 23.36
CA GLU B 42 1.74 11.02 23.29
C GLU B 42 2.40 11.77 24.45
N ARG B 43 2.28 11.21 25.65
CA ARG B 43 2.90 11.81 26.84
CA ARG B 43 2.90 11.81 26.84
C ARG B 43 4.41 11.85 26.72
N LEU B 44 4.99 10.80 26.12
CA LEU B 44 6.43 10.77 25.87
C LEU B 44 6.84 11.72 24.76
N ALA B 45 6.02 11.82 23.71
CA ALA B 45 6.30 12.71 22.59
C ALA B 45 6.24 14.17 23.04
N SER B 46 5.21 14.48 23.85
CA SER B 46 5.07 15.81 24.46
C SER B 46 6.28 16.14 25.33
N GLY B 47 6.80 15.15 26.04
CA GLY B 47 8.05 15.30 26.77
C GLY B 47 9.27 15.47 25.88
N LEU B 48 9.28 14.80 24.72
CA LEU B 48 10.38 14.97 23.76
C LEU B 48 10.46 16.39 23.22
N LEU B 49 9.29 16.98 22.95
CA LEU B 49 9.18 18.37 22.52
C LEU B 49 9.62 19.36 23.61
N ARG B 50 9.16 19.13 24.84
CA ARG B 50 9.55 19.91 26.03
C ARG B 50 11.07 19.95 26.22
N ASP B 51 11.73 18.80 26.01
CA ASP B 51 13.19 18.70 26.04
C ASP B 51 13.89 19.35 24.83
N GLY B 52 13.11 19.81 23.84
CA GLY B 52 13.66 20.50 22.67
C GLY B 52 14.01 19.64 21.46
N VAL B 53 13.34 18.51 21.29
CA VAL B 53 13.51 17.72 20.07
C VAL B 53 12.59 18.27 18.96
N HIS B 54 13.16 18.51 17.79
CA HIS B 54 12.41 18.96 16.64
C HIS B 54 12.34 17.86 15.59
N THR B 55 11.38 17.97 14.67
CA THR B 55 11.32 17.11 13.49
C THR B 55 12.71 16.99 12.88
N GLY B 56 13.16 15.76 12.67
CA GLY B 56 14.44 15.51 12.03
C GLY B 56 15.59 15.29 12.98
N ASP B 57 15.41 15.66 14.25
CA ASP B 57 16.44 15.39 15.27
C ASP B 57 16.48 13.89 15.60
N ARG B 58 17.63 13.39 16.06
CA ARG B 58 17.74 12.00 16.46
C ARG B 58 17.52 11.78 17.95
N VAL B 59 16.80 10.72 18.26
CA VAL B 59 16.68 10.23 19.63
C VAL B 59 17.35 8.86 19.65
N ALA B 60 18.42 8.72 20.44
CA ALA B 60 19.11 7.44 20.47
C ALA B 60 18.72 6.56 21.67
N ILE B 61 18.78 5.24 21.44
CA ILE B 61 18.49 4.26 22.48
C ILE B 61 19.48 3.11 22.32
N LEU B 62 20.06 2.71 23.45
CA LEU B 62 20.94 1.53 23.51
C LEU B 62 20.36 0.65 24.59
N SER B 63 19.64 -0.38 24.16
CA SER B 63 18.81 -1.16 25.06
C SER B 63 18.39 -2.48 24.47
N GLN B 64 18.23 -3.48 25.32
CA GLN B 64 17.51 -4.69 24.94
C GLN B 64 16.02 -4.39 24.87
N ASN B 65 15.26 -5.24 24.18
CA ASN B 65 13.82 -5.04 24.05
C ASN B 65 13.13 -4.88 25.40
N CYS B 66 12.29 -3.86 25.51
CA CYS B 66 11.50 -3.63 26.72
C CYS B 66 10.37 -2.67 26.40
N SER B 67 9.46 -2.49 27.34
CA SER B 67 8.25 -1.72 27.10
C SER B 67 8.55 -0.25 26.86
N GLU B 68 9.61 0.24 27.51
CA GLU B 68 10.05 1.62 27.39
C GLU B 68 10.49 1.91 25.97
N MET B 69 11.29 1.00 25.40
CA MET B 69 11.76 1.10 24.02
C MET B 69 10.61 1.12 23.00
N ILE B 70 9.63 0.24 23.21
CA ILE B 70 8.46 0.15 22.32
C ILE B 70 7.64 1.45 22.31
N GLU B 71 7.41 2.00 23.51
CA GLU B 71 6.71 3.29 23.68
C GLU B 71 7.51 4.44 23.10
N LEU B 72 8.84 4.39 23.24
CA LEU B 72 9.72 5.42 22.69
C LEU B 72 9.68 5.50 21.15
N ILE B 73 9.67 4.34 20.50
CA ILE B 73 9.51 4.25 19.04
C ILE B 73 8.28 5.06 18.57
N GLY B 74 7.17 4.89 19.29
CA GLY B 74 5.91 5.60 18.98
C GLY B 74 6.00 7.08 19.20
N ALA B 75 6.61 7.49 20.33
CA ALA B 75 6.83 8.90 20.67
C ALA B 75 7.62 9.64 19.60
N VAL B 76 8.71 9.01 19.17
CA VAL B 76 9.59 9.53 18.14
C VAL B 76 8.85 9.66 16.81
N ALA B 77 8.06 8.64 16.45
CA ALA B 77 7.23 8.63 15.25
C ALA B 77 6.26 9.79 15.20
N LEU B 78 5.63 10.06 16.36
CA LEU B 78 4.63 11.12 16.53
C LEU B 78 5.11 12.56 16.29
N ILE B 79 6.41 12.80 16.38
CA ILE B 79 6.95 14.14 16.24
C ILE B 79 7.92 14.23 15.07
N GLY B 80 7.98 13.16 14.26
CA GLY B 80 8.78 13.17 13.04
C GLY B 80 10.26 13.16 13.32
N ALA B 81 10.65 12.66 14.50
CA ALA B 81 12.05 12.55 14.87
C ALA B 81 12.62 11.25 14.30
N ILE B 82 13.93 11.05 14.48
CA ILE B 82 14.58 9.94 13.86
C ILE B 82 15.18 9.08 14.96
N LEU B 83 14.77 7.82 15.00
CA LEU B 83 15.22 6.92 16.02
C LEU B 83 16.61 6.41 15.68
N LEU B 84 17.49 6.38 16.68
CA LEU B 84 18.79 5.77 16.47
C LEU B 84 18.89 4.60 17.45
N PRO B 85 18.38 3.41 17.04
CA PRO B 85 18.50 2.26 17.93
C PRO B 85 19.88 1.62 17.73
N VAL B 86 20.67 1.62 18.79
CA VAL B 86 22.03 1.12 18.67
C VAL B 86 22.05 -0.39 18.92
N ASN B 87 22.79 -1.08 18.06
CA ASN B 87 23.06 -2.49 18.17
C ASN B 87 23.88 -2.74 19.44
N TYR B 88 23.26 -3.37 20.44
CA TYR B 88 23.91 -3.63 21.72
C TYR B 88 24.98 -4.74 21.71
N ARG B 89 25.15 -5.41 20.56
CA ARG B 89 26.12 -6.48 20.38
C ARG B 89 27.47 -5.93 19.89
N LEU B 90 27.55 -4.62 19.68
CA LEU B 90 28.78 -3.97 19.23
C LEU B 90 29.68 -3.66 20.43
N ASN B 91 30.99 -3.49 20.16
CA ASN B 91 31.94 -3.07 21.20
C ASN B 91 31.78 -1.58 21.54
N ALA B 92 32.50 -1.12 22.57
CA ALA B 92 32.39 0.27 23.02
C ALA B 92 32.82 1.31 21.97
N ASP B 93 33.76 0.94 21.12
CA ASP B 93 34.27 1.81 20.05
C ASP B 93 33.25 2.02 18.95
N GLU B 94 32.61 0.92 18.55
CA GLU B 94 31.55 0.93 17.55
C GLU B 94 30.31 1.70 18.05
N ILE B 95 29.92 1.45 19.30
CA ILE B 95 28.82 2.20 19.94
C ILE B 95 29.12 3.70 19.99
N ALA B 96 30.37 4.05 20.33
CA ALA B 96 30.82 5.43 20.32
C ALA B 96 30.70 6.02 18.93
N PHE B 97 31.20 5.28 17.94
CA PHE B 97 31.10 5.70 16.54
C PHE B 97 29.65 5.89 16.09
N VAL B 98 28.81 4.91 16.39
CA VAL B 98 27.41 4.94 15.97
C VAL B 98 26.70 6.15 16.59
N LEU B 99 26.85 6.32 17.90
CA LEU B 99 26.26 7.46 18.60
C LEU B 99 26.77 8.81 18.08
N GLY B 100 28.05 8.87 17.72
CA GLY B 100 28.64 10.08 17.16
C GLY B 100 28.10 10.37 15.77
N ASP B 101 27.94 9.31 14.97
CA ASP B 101 27.44 9.44 13.60
C ASP B 101 26.02 10.01 13.56
N GLY B 102 25.16 9.49 14.44
CA GLY B 102 23.77 9.95 14.50
C GLY B 102 23.54 11.29 15.15
N ALA B 103 24.50 11.71 15.98
CA ALA B 103 24.43 12.99 16.72
C ALA B 103 23.08 13.26 17.42
N PRO B 104 22.68 12.39 18.35
CA PRO B 104 21.36 12.51 18.99
C PRO B 104 21.16 13.74 19.87
N SER B 105 19.91 14.17 20.00
CA SER B 105 19.52 15.26 20.88
C SER B 105 19.01 14.74 22.22
N VAL B 106 18.57 13.47 22.25
CA VAL B 106 18.17 12.78 23.48
C VAL B 106 18.81 11.39 23.40
N VAL B 107 19.35 10.94 24.53
CA VAL B 107 19.94 9.62 24.61
C VAL B 107 19.22 8.84 25.70
N VAL B 108 18.78 7.63 25.38
CA VAL B 108 18.17 6.74 26.38
C VAL B 108 19.07 5.52 26.54
N ALA B 109 19.54 5.30 27.76
CA ALA B 109 20.33 4.12 28.09
C ALA B 109 19.46 3.06 28.72
N GLY B 110 19.59 1.83 28.22
CA GLY B 110 18.99 0.67 28.86
C GLY B 110 19.72 0.35 30.16
N THR B 111 19.01 -0.30 31.08
CA THR B 111 19.50 -0.58 32.44
C THR B 111 20.91 -1.18 32.48
N ASP B 112 21.18 -2.14 31.60
CA ASP B 112 22.50 -2.76 31.50
C ASP B 112 23.56 -1.96 30.74
N TYR B 113 23.20 -0.79 30.21
CA TYR B 113 24.08 -0.08 29.29
C TYR B 113 24.42 1.35 29.75
N ARG B 114 24.06 1.69 30.99
CA ARG B 114 24.32 3.01 31.59
C ARG B 114 25.79 3.46 31.54
N ASP B 115 26.72 2.52 31.76
CA ASP B 115 28.14 2.83 31.79
C ASP B 115 28.75 3.10 30.43
N ILE B 116 28.40 2.30 29.42
CA ILE B 116 28.87 2.54 28.04
C ILE B 116 28.37 3.89 27.51
N VAL B 117 27.08 4.17 27.70
CA VAL B 117 26.46 5.42 27.27
C VAL B 117 27.03 6.66 28.00
N ALA B 118 27.25 6.56 29.30
CA ALA B 118 27.92 7.61 30.08
C ALA B 118 29.37 7.82 29.63
N GLY B 119 30.04 6.75 29.21
CA GLY B 119 31.37 6.83 28.60
C GLY B 119 31.43 7.71 27.35
N VAL B 120 30.41 7.58 26.49
CA VAL B 120 30.38 8.27 25.19
C VAL B 120 29.80 9.68 25.31
N LEU B 121 28.92 9.86 26.27
CA LEU B 121 28.19 11.12 26.50
C LEU B 121 29.04 12.43 26.45
N PRO B 122 30.23 12.49 27.12
CA PRO B 122 30.98 13.76 27.02
C PRO B 122 31.43 14.15 25.61
N SER B 123 31.65 13.16 24.74
CA SER B 123 32.06 13.42 23.35
C SER B 123 30.91 13.84 22.40
N LEU B 124 29.67 13.79 22.88
CA LEU B 124 28.51 14.11 22.03
C LEU B 124 28.13 15.57 22.16
N GLY B 125 27.78 16.17 21.02
CA GLY B 125 27.59 17.61 20.92
C GLY B 125 26.27 18.16 21.44
N GLY B 126 25.16 17.72 20.87
CA GLY B 126 23.90 18.40 21.15
C GLY B 126 22.92 17.69 22.07
N VAL B 127 23.41 16.83 22.97
CA VAL B 127 22.52 16.12 23.89
C VAL B 127 21.84 17.04 24.90
N LYS B 128 20.56 17.32 24.65
CA LYS B 128 19.72 18.13 25.52
C LYS B 128 19.32 17.39 26.78
N LYS B 129 19.14 16.07 26.69
CA LYS B 129 18.68 15.27 27.85
C LYS B 129 19.13 13.83 27.75
N ALA B 130 19.47 13.22 28.88
CA ALA B 130 19.83 11.81 28.91
C ALA B 130 19.00 11.06 29.95
N TYR B 131 18.50 9.89 29.56
CA TYR B 131 17.60 9.11 30.40
C TYR B 131 18.07 7.70 30.54
N ALA B 132 17.72 7.06 31.64
CA ALA B 132 17.93 5.63 31.78
C ALA B 132 16.62 4.92 32.09
N ILE B 133 16.49 3.75 31.49
CA ILE B 133 15.33 2.92 31.72
C ILE B 133 15.40 2.34 33.15
N GLY B 134 14.31 2.52 33.90
CA GLY B 134 14.27 2.16 35.31
C GLY B 134 14.60 3.35 36.19
N ASP B 135 15.36 3.10 37.26
CA ASP B 135 15.80 4.14 38.19
C ASP B 135 16.83 5.09 37.57
N GLY B 136 16.70 6.37 37.92
CA GLY B 136 17.70 7.37 37.55
C GLY B 136 19.06 7.11 38.19
N SER B 137 20.12 7.37 37.44
CA SER B 137 21.47 7.04 37.89
C SER B 137 22.49 7.96 37.21
N GLY B 138 23.40 8.55 38.00
CA GLY B 138 24.43 9.50 37.48
C GLY B 138 23.89 10.62 36.61
N PRO B 139 24.34 10.67 35.32
CA PRO B 139 23.84 11.68 34.35
C PRO B 139 22.40 11.45 33.87
N PHE B 140 21.87 10.25 34.11
CA PHE B 140 20.57 9.85 33.57
C PHE B 140 19.40 10.07 34.53
N ALA B 141 18.44 10.88 34.10
CA ALA B 141 17.16 10.97 34.77
C ALA B 141 16.40 9.66 34.50
N PRO B 142 15.50 9.25 35.43
CA PRO B 142 14.74 8.04 35.15
C PRO B 142 13.81 8.25 33.94
N PHE B 143 13.65 7.21 33.11
CA PHE B 143 12.79 7.29 31.93
C PHE B 143 11.41 7.88 32.23
N LYS B 144 10.86 7.58 33.41
CA LYS B 144 9.55 8.11 33.83
C LYS B 144 9.43 9.63 33.74
N ASP B 145 10.56 10.33 33.83
CA ASP B 145 10.60 11.78 33.73
C ASP B 145 10.41 12.35 32.32
N LEU B 146 10.51 11.48 31.30
CA LEU B 146 10.29 11.90 29.90
C LEU B 146 8.86 12.33 29.68
N ALA B 147 7.91 11.61 30.29
CA ALA B 147 6.50 11.92 30.14
C ALA B 147 6.16 13.35 30.55
N SER B 148 5.30 14.00 29.79
CA SER B 148 4.78 15.33 30.13
C SER B 148 3.27 15.34 30.09
N ASP B 149 2.66 16.23 30.88
CA ASP B 149 1.20 16.35 30.96
C ASP B 149 0.67 17.45 30.05
N THR B 150 1.58 18.19 29.43
CA THR B 150 1.21 19.19 28.42
C THR B 150 0.52 18.47 27.29
N PRO B 151 -0.70 18.90 26.93
CA PRO B 151 -1.45 18.27 25.84
C PRO B 151 -0.60 18.24 24.58
N PHE B 152 -0.51 17.05 23.97
CA PHE B 152 0.35 16.83 22.81
C PHE B 152 -0.14 17.57 21.58
N SER B 153 0.74 18.37 20.99
CA SER B 153 0.46 19.05 19.73
C SER B 153 1.54 18.70 18.70
N ALA B 154 1.12 17.98 17.66
CA ALA B 154 2.04 17.42 16.68
C ALA B 154 2.63 18.45 15.75
N PRO B 155 3.95 18.38 15.49
CA PRO B 155 4.57 19.22 14.47
C PRO B 155 4.18 18.76 13.04
N GLU B 156 4.47 19.60 12.05
CA GLU B 156 4.26 19.23 10.65
C GLU B 156 5.42 18.36 10.16
N PHE B 157 5.09 17.21 9.56
CA PHE B 157 6.07 16.33 8.91
C PHE B 157 5.36 15.38 7.94
N GLY B 158 6.12 14.80 7.02
CA GLY B 158 5.57 13.88 6.04
C GLY B 158 5.96 12.45 6.30
N ALA B 159 5.26 11.53 5.61
CA ALA B 159 5.65 10.12 5.60
C ALA B 159 6.99 9.88 4.93
N ALA B 160 7.43 10.79 4.05
CA ALA B 160 8.71 10.58 3.33
C ALA B 160 9.96 10.99 4.14
N ASP B 161 9.74 11.67 5.26
CA ASP B 161 10.82 12.10 6.15
C ASP B 161 11.48 10.92 6.86
N GLY B 162 12.76 11.09 7.18
CA GLY B 162 13.52 10.08 7.89
C GLY B 162 12.87 9.70 9.20
N PHE B 163 12.99 8.42 9.55
CA PHE B 163 12.38 7.92 10.77
C PHE B 163 13.31 7.07 11.63
N VAL B 164 14.18 6.29 11.01
CA VAL B 164 15.09 5.44 11.77
C VAL B 164 16.40 5.26 11.00
N ILE B 165 17.52 5.24 11.72
CA ILE B 165 18.79 4.94 11.14
C ILE B 165 19.28 3.62 11.70
N ILE B 166 19.55 2.67 10.81
CA ILE B 166 19.95 1.33 11.18
C ILE B 166 21.35 1.10 10.64
N HIS B 167 22.29 0.93 11.55
CA HIS B 167 23.70 0.73 11.17
C HIS B 167 24.01 -0.74 10.93
N THR B 168 24.65 -1.03 9.81
CA THR B 168 25.27 -2.34 9.55
C THR B 168 26.66 -2.09 8.94
N ALA B 169 27.61 -2.96 9.25
CA ALA B 169 29.01 -2.80 8.84
C ALA B 169 29.19 -2.81 7.31
N ALA B 170 30.02 -1.88 6.81
CA ALA B 170 30.28 -1.73 5.37
C ALA B 170 31.07 -2.91 4.79
N GLY B 173 34.20 -2.79 7.20
CA GLY B 173 34.15 -2.97 8.65
C GLY B 173 33.44 -1.85 9.40
N ARG B 174 33.63 -0.62 8.91
CA ARG B 174 33.09 0.58 9.57
C ARG B 174 31.57 0.74 9.35
N PRO B 175 30.78 0.77 10.45
CA PRO B 175 29.32 0.79 10.41
C PRO B 175 28.74 1.92 9.56
N ARG B 176 27.70 1.60 8.81
CA ARG B 176 27.10 2.53 7.87
C ARG B 176 25.58 2.57 8.11
N GLY B 177 25.03 3.77 8.26
CA GLY B 177 23.65 3.92 8.71
C GLY B 177 22.62 4.15 7.61
N ALA B 178 21.71 3.19 7.43
CA ALA B 178 20.63 3.28 6.44
C ALA B 178 19.49 4.12 7.03
N LEU B 179 19.17 5.24 6.38
CA LEU B 179 18.06 6.08 6.83
C LEU B 179 16.79 5.61 6.12
N ILE B 180 15.76 5.31 6.91
CA ILE B 180 14.49 4.72 6.41
C ILE B 180 13.33 5.61 6.84
N SER B 181 12.39 5.89 5.92
CA SER B 181 11.26 6.74 6.27
C SER B 181 10.13 5.94 6.89
N GLN B 182 9.16 6.66 7.47
CA GLN B 182 7.95 6.03 7.99
C GLN B 182 7.21 5.39 6.81
N GLY B 183 7.12 6.13 5.71
CA GLY B 183 6.46 5.70 4.48
C GLY B 183 7.09 4.46 3.88
N ASN B 184 8.42 4.41 3.83
CA ASN B 184 9.15 3.22 3.43
C ASN B 184 8.64 1.98 4.15
N LEU B 185 8.56 2.05 5.49
CA LEU B 185 8.16 0.92 6.32
C LEU B 185 6.69 0.58 6.13
N LEU B 186 5.79 1.56 6.22
CA LEU B 186 4.37 1.29 6.05
C LEU B 186 4.04 0.60 4.72
N ILE B 187 4.63 1.08 3.63
CA ILE B 187 4.32 0.56 2.32
C ILE B 187 4.90 -0.83 2.16
N ALA B 188 6.12 -1.04 2.66
CA ALA B 188 6.81 -2.31 2.53
C ALA B 188 6.07 -3.39 3.30
N GLN B 189 5.59 -3.01 4.48
CA GLN B 189 5.00 -3.95 5.41
C GLN B 189 3.54 -4.25 5.08
N SER B 190 2.92 -3.37 4.30
CA SER B 190 1.55 -3.60 3.83
C SER B 190 1.46 -4.89 2.99
N SER B 191 2.52 -5.18 2.25
CA SER B 191 2.66 -6.44 1.50
C SER B 191 2.68 -7.70 2.37
N LEU B 192 3.25 -7.56 3.58
CA LEU B 192 3.30 -8.63 4.57
C LEU B 192 1.94 -8.84 5.22
N VAL B 193 1.27 -7.75 5.59
CA VAL B 193 -0.12 -7.78 6.04
C VAL B 193 -0.99 -8.54 5.01
N ASP B 194 -0.87 -8.18 3.74
CA ASP B 194 -1.60 -8.86 2.66
C ASP B 194 -1.17 -10.34 2.55
N ALA B 195 0.14 -10.62 2.49
CA ALA B 195 0.60 -11.99 2.23
C ALA B 195 0.23 -12.97 3.35
N TRP B 196 0.24 -12.49 4.58
CA TRP B 196 -0.02 -13.32 5.74
C TRP B 196 -1.41 -13.20 6.27
N ARG B 197 -2.27 -12.45 5.54
CA ARG B 197 -3.67 -12.23 5.90
CA ARG B 197 -3.67 -12.22 5.91
C ARG B 197 -3.80 -11.72 7.34
N LEU B 198 -2.93 -10.77 7.71
CA LEU B 198 -2.91 -10.23 9.06
C LEU B 198 -4.15 -9.40 9.32
N THR B 199 -4.79 -9.67 10.46
CA THR B 199 -5.89 -8.86 10.98
C THR B 199 -5.58 -8.51 12.42
N GLU B 200 -6.52 -7.81 13.08
CA GLU B 200 -6.34 -7.46 14.48
C GLU B 200 -6.23 -8.68 15.42
N ALA B 201 -6.57 -9.88 14.92
CA ALA B 201 -6.53 -11.08 15.75
C ALA B 201 -5.14 -11.68 15.85
N ASP B 202 -4.24 -11.28 14.95
CA ASP B 202 -2.92 -11.91 14.85
C ASP B 202 -1.95 -11.50 15.92
N VAL B 203 -0.97 -12.36 16.19
CA VAL B 203 -0.03 -12.20 17.30
C VAL B 203 1.38 -12.62 16.88
N ASN B 204 2.33 -11.69 17.01
CA ASN B 204 3.73 -11.91 16.66
C ASN B 204 4.54 -12.33 17.89
N LEU B 205 5.46 -13.27 17.72
CA LEU B 205 6.40 -13.52 18.80
C LEU B 205 7.67 -12.81 18.39
N GLY B 206 7.86 -11.64 18.96
CA GLY B 206 8.98 -10.77 18.63
C GLY B 206 10.20 -11.15 19.44
N MET B 207 10.99 -12.05 18.87
CA MET B 207 12.18 -12.58 19.53
C MET B 207 13.46 -11.89 19.08
N LEU B 208 13.39 -11.19 17.96
CA LEU B 208 14.53 -10.46 17.41
C LEU B 208 14.69 -9.06 18.05
N PRO B 209 15.93 -8.56 18.13
CA PRO B 209 16.12 -7.21 18.67
C PRO B 209 15.43 -6.11 17.86
N LEU B 210 14.84 -5.14 18.57
CA LEU B 210 14.18 -4.03 17.91
C LEU B 210 15.13 -3.04 17.19
N PHE B 211 16.44 -3.16 17.41
CA PHE B 211 17.40 -2.35 16.64
C PHE B 211 17.58 -2.90 15.22
N HIS B 212 17.19 -4.15 15.01
CA HIS B 212 17.35 -4.83 13.73
C HIS B 212 16.10 -4.58 12.89
N VAL B 213 16.27 -4.44 11.57
CA VAL B 213 15.15 -4.15 10.67
C VAL B 213 14.01 -5.20 10.71
N THR B 214 14.39 -6.48 10.83
CA THR B 214 13.43 -7.58 10.89
C THR B 214 12.61 -7.52 12.16
N GLY B 215 13.29 -7.31 13.30
CA GLY B 215 12.60 -7.13 14.59
C GLY B 215 11.67 -5.94 14.66
N LEU B 216 12.15 -4.78 14.24
CA LEU B 216 11.34 -3.57 14.25
C LEU B 216 10.21 -3.67 13.23
N GLY B 217 10.53 -4.21 12.05
CA GLY B 217 9.59 -4.37 10.94
C GLY B 217 8.40 -5.24 11.29
N LEU B 218 8.69 -6.39 11.91
CA LEU B 218 7.62 -7.28 12.39
C LEU B 218 6.70 -6.66 13.42
N MET B 219 7.27 -5.91 14.38
CA MET B 219 6.45 -5.23 15.38
C MET B 219 5.52 -4.21 14.72
N LEU B 220 6.08 -3.42 13.81
CA LEU B 220 5.32 -2.38 13.13
C LEU B 220 4.26 -2.96 12.18
N THR B 221 4.60 -4.05 11.50
CA THR B 221 3.65 -4.82 10.65
C THR B 221 2.41 -5.28 11.43
N LEU B 222 2.60 -5.95 12.57
CA LEU B 222 1.46 -6.38 13.38
C LEU B 222 0.70 -5.20 13.92
N GLN B 223 1.42 -4.13 14.26
CA GLN B 223 0.77 -2.91 14.71
C GLN B 223 -0.07 -2.23 13.61
N GLN B 224 0.42 -2.25 12.38
CA GLN B 224 -0.31 -1.76 11.19
CA GLN B 224 -0.38 -1.65 11.31
C GLN B 224 -1.63 -2.48 10.95
N ALA B 225 -1.61 -3.78 11.25
CA ALA B 225 -2.78 -4.63 11.07
C ALA B 225 -3.74 -4.53 12.26
N GLY B 226 -3.33 -3.86 13.34
CA GLY B 226 -4.12 -3.81 14.57
C GLY B 226 -3.90 -5.02 15.46
N GLY B 227 -2.89 -5.84 15.13
CA GLY B 227 -2.58 -7.01 15.91
C GLY B 227 -1.69 -6.66 17.09
N ALA B 228 -1.07 -7.69 17.67
CA ALA B 228 -0.27 -7.57 18.88
C ALA B 228 1.08 -8.25 18.70
N SER B 229 2.07 -7.82 19.48
CA SER B 229 3.35 -8.53 19.55
C SER B 229 3.65 -8.94 20.99
N VAL B 230 4.17 -10.15 21.18
CA VAL B 230 4.68 -10.59 22.46
C VAL B 230 6.19 -10.42 22.36
N ILE B 231 6.75 -9.56 23.19
CA ILE B 231 8.15 -9.13 23.07
C ILE B 231 8.92 -9.45 24.36
N ALA B 232 10.10 -10.03 24.22
CA ALA B 232 10.91 -10.43 25.36
C ALA B 232 12.30 -9.83 25.27
N ALA B 233 12.85 -9.48 26.42
CA ALA B 233 14.21 -9.01 26.54
C ALA B 233 15.22 -9.98 25.91
N LYS B 234 15.09 -11.27 26.21
CA LYS B 234 15.99 -12.30 25.66
C LYS B 234 15.26 -13.55 25.14
N PHE B 235 15.92 -14.25 24.23
CA PHE B 235 15.41 -15.49 23.68
C PHE B 235 15.63 -16.71 24.58
N ASP B 236 14.54 -17.37 24.95
CA ASP B 236 14.57 -18.69 25.60
C ASP B 236 13.59 -19.60 24.86
N PRO B 237 14.11 -20.65 24.16
CA PRO B 237 13.34 -21.59 23.33
C PRO B 237 12.15 -22.22 24.06
N ALA B 238 12.37 -22.60 25.31
CA ALA B 238 11.34 -23.19 26.16
C ALA B 238 10.26 -22.17 26.55
N GLN B 239 10.67 -20.93 26.86
CA GLN B 239 9.74 -19.84 27.10
C GLN B 239 8.93 -19.45 25.85
N ALA B 240 9.60 -19.47 24.70
CA ALA B 240 8.97 -19.17 23.41
C ALA B 240 7.84 -20.16 23.09
N ALA B 241 8.08 -21.44 23.33
CA ALA B 241 7.07 -22.50 23.20
C ALA B 241 5.87 -22.25 24.10
N ARG B 242 6.14 -21.91 25.37
CA ARG B 242 5.08 -21.54 26.35
C ARG B 242 4.27 -20.32 25.89
N ASP B 243 4.97 -19.30 25.36
CA ASP B 243 4.34 -18.06 24.87
C ASP B 243 3.50 -18.29 23.65
N ILE B 244 4.00 -19.12 22.73
CA ILE B 244 3.26 -19.45 21.52
C ILE B 244 1.90 -20.07 21.92
N GLU B 245 1.93 -21.00 22.88
CA GLU B 245 0.69 -21.58 23.41
C GLU B 245 -0.18 -20.60 24.20
N ALA B 246 0.40 -19.92 25.20
CA ALA B 246 -0.35 -19.00 26.07
C ALA B 246 -0.97 -17.81 25.35
N HIS B 247 -0.23 -17.23 24.39
CA HIS B 247 -0.69 -16.02 23.70
C HIS B 247 -1.23 -16.27 22.30
N LYS B 248 -1.28 -17.54 21.89
CA LYS B 248 -1.81 -17.93 20.57
C LYS B 248 -1.09 -17.17 19.46
N VAL B 249 0.23 -17.29 19.45
CA VAL B 249 1.08 -16.69 18.45
C VAL B 249 0.76 -17.29 17.08
N THR B 250 0.43 -16.42 16.13
CA THR B 250 0.14 -16.89 14.78
C THR B 250 1.34 -16.75 13.86
N VAL B 251 2.18 -15.75 14.10
CA VAL B 251 3.30 -15.45 13.19
C VAL B 251 4.57 -15.08 13.94
N MET B 252 5.71 -15.34 13.29
CA MET B 252 7.01 -14.93 13.80
C MET B 252 8.08 -14.92 12.71
N ALA B 253 9.06 -14.04 12.87
CA ALA B 253 10.30 -14.14 12.11
C ALA B 253 11.40 -14.70 13.01
N GLU B 254 12.37 -15.35 12.39
CA GLU B 254 13.30 -16.17 13.15
C GLU B 254 14.63 -16.26 12.39
N PHE B 255 15.75 -16.27 13.11
CA PHE B 255 17.01 -16.62 12.45
C PHE B 255 17.58 -17.90 13.05
N ALA B 256 17.97 -18.86 12.21
CA ALA B 256 18.61 -20.10 12.66
C ALA B 256 19.70 -19.80 13.70
N PRO B 257 19.77 -20.58 14.80
CA PRO B 257 19.04 -21.80 15.11
C PRO B 257 17.81 -21.63 16.02
N MET B 258 17.15 -20.47 15.97
CA MET B 258 16.04 -20.19 16.89
C MET B 258 14.87 -21.17 16.74
N LEU B 259 14.46 -21.44 15.49
CA LEU B 259 13.29 -22.28 15.24
C LEU B 259 13.59 -23.74 15.57
N GLY B 260 14.80 -24.19 15.21
CA GLY B 260 15.31 -25.52 15.56
C GLY B 260 15.26 -25.76 17.05
N ASN B 261 15.71 -24.77 17.82
CA ASN B 261 15.73 -24.85 19.28
C ASN B 261 14.35 -24.80 19.92
N ILE B 262 13.44 -24.03 19.32
CA ILE B 262 12.05 -24.02 19.76
C ILE B 262 11.42 -25.39 19.52
N LEU B 263 11.66 -25.96 18.33
CA LEU B 263 11.11 -27.25 17.95
C LEU B 263 11.55 -28.37 18.89
N ASP B 264 12.83 -28.34 19.30
CA ASP B 264 13.37 -29.17 20.36
C ASP B 264 12.60 -29.11 21.68
N GLN B 265 12.15 -27.91 22.04
CA GLN B 265 11.57 -27.68 23.36
C GLN B 265 10.06 -27.65 23.39
N ALA B 266 9.43 -27.70 22.22
CA ALA B 266 7.98 -27.57 22.19
C ALA B 266 7.32 -28.90 21.92
N ALA B 267 6.25 -29.20 22.65
CA ALA B 267 5.32 -30.22 22.22
C ALA B 267 4.63 -29.68 20.96
N PRO B 268 4.57 -30.48 19.87
CA PRO B 268 3.75 -30.15 18.69
C PRO B 268 2.39 -29.49 19.02
N ALA B 269 1.79 -29.92 20.12
CA ALA B 269 0.52 -29.35 20.61
C ALA B 269 0.60 -27.87 21.03
N GLN B 270 1.76 -27.45 21.56
CA GLN B 270 1.96 -26.04 21.98
C GLN B 270 2.03 -25.05 20.80
N LEU B 271 2.37 -25.57 19.63
CA LEU B 271 2.65 -24.75 18.45
C LEU B 271 1.47 -24.65 17.51
N ALA B 272 0.30 -25.09 17.96
CA ALA B 272 -0.88 -25.26 17.09
C ALA B 272 -1.42 -23.97 16.43
N SER B 273 -1.32 -22.85 17.15
CA SER B 273 -1.82 -21.55 16.65
C SER B 273 -0.97 -20.94 15.52
N LEU B 274 0.26 -21.43 15.38
CA LEU B 274 1.21 -20.89 14.39
C LEU B 274 0.75 -21.13 12.98
N ARG B 275 0.70 -20.07 12.16
CA ARG B 275 0.39 -20.28 10.76
C ARG B 275 1.40 -19.80 9.73
N ALA B 276 2.32 -18.92 10.16
CA ALA B 276 3.31 -18.33 9.25
C ALA B 276 4.63 -17.99 9.93
N VAL B 277 5.72 -18.44 9.34
CA VAL B 277 7.05 -18.18 9.86
C VAL B 277 7.92 -17.79 8.68
N THR B 278 8.80 -16.83 8.88
CA THR B 278 9.80 -16.47 7.89
C THR B 278 11.12 -16.19 8.62
N GLY B 279 12.17 -15.94 7.85
CA GLY B 279 13.47 -15.60 8.39
C GLY B 279 14.52 -16.34 7.59
N LEU B 280 15.67 -16.61 8.20
CA LEU B 280 16.69 -17.38 7.49
C LEU B 280 16.92 -18.70 8.18
N ASP B 281 16.74 -19.78 7.43
CA ASP B 281 16.96 -21.12 7.94
C ASP B 281 17.33 -22.17 6.90
N THR B 282 17.86 -23.29 7.39
CA THR B 282 18.27 -24.42 6.57
C THR B 282 17.03 -25.19 6.11
N PRO B 283 17.09 -25.82 4.91
CA PRO B 283 16.04 -26.71 4.38
C PRO B 283 15.62 -27.82 5.34
N GLU B 284 16.59 -28.34 6.11
CA GLU B 284 16.36 -29.38 7.09
C GLU B 284 15.36 -28.93 8.15
N THR B 285 15.62 -27.76 8.76
CA THR B 285 14.77 -27.21 9.82
C THR B 285 13.40 -26.76 9.31
N ILE B 286 13.38 -26.19 8.10
CA ILE B 286 12.13 -25.71 7.50
C ILE B 286 11.16 -26.88 7.31
N GLU B 287 11.66 -27.93 6.66
CA GLU B 287 10.90 -29.15 6.43
C GLU B 287 10.51 -29.82 7.75
N ARG B 288 11.45 -29.86 8.70
CA ARG B 288 11.15 -30.28 10.07
C ARG B 288 9.96 -29.52 10.65
N PHE B 289 9.98 -28.18 10.53
CA PHE B 289 8.90 -27.31 11.07
C PHE B 289 7.56 -27.56 10.39
N GLU B 290 7.59 -27.68 9.07
CA GLU B 290 6.36 -27.90 8.29
C GLU B 290 5.78 -29.29 8.52
N ALA B 291 6.65 -30.28 8.73
CA ALA B 291 6.23 -31.62 9.15
C ALA B 291 5.56 -31.59 10.53
N THR B 292 6.16 -30.88 11.48
CA THR B 292 5.60 -30.74 12.84
C THR B 292 4.27 -30.00 12.83
N CYS B 293 4.21 -28.88 12.12
CA CYS B 293 3.00 -28.07 12.05
C CYS B 293 2.41 -28.09 10.64
N PRO B 294 1.44 -29.00 10.37
CA PRO B 294 0.85 -29.14 9.03
C PRO B 294 0.02 -27.93 8.57
N ASN B 295 -0.56 -27.17 9.51
CA ASN B 295 -1.30 -25.95 9.14
C ASN B 295 -0.48 -24.65 9.13
N ALA B 296 0.85 -24.77 9.12
CA ALA B 296 1.73 -23.62 9.11
C ALA B 296 2.58 -23.60 7.85
N THR B 297 3.00 -22.40 7.46
CA THR B 297 3.81 -22.21 6.25
C THR B 297 5.06 -21.40 6.58
N PHE B 298 6.22 -21.92 6.17
CA PHE B 298 7.44 -21.15 6.17
C PHE B 298 7.58 -20.40 4.86
N TRP B 299 7.91 -19.12 4.98
CA TRP B 299 8.01 -18.25 3.82
C TRP B 299 9.46 -17.92 3.54
N ALA B 300 9.91 -18.28 2.34
CA ALA B 300 11.20 -17.86 1.84
C ALA B 300 11.21 -16.35 1.59
N THR B 301 12.36 -15.71 1.82
CA THR B 301 12.48 -14.26 1.76
C THR B 301 13.90 -13.78 1.47
N PHE B 302 13.99 -12.65 0.80
CA PHE B 302 15.19 -11.81 0.79
C PHE B 302 14.85 -10.36 1.06
N GLY B 303 15.64 -9.73 1.91
CA GLY B 303 15.62 -8.29 2.07
C GLY B 303 16.78 -7.79 2.89
N GLN B 304 16.81 -6.46 3.09
CA GLN B 304 17.85 -5.79 3.86
C GLN B 304 17.29 -4.45 4.35
N SER B 305 18.04 -3.75 5.21
CA SER B 305 17.65 -2.44 5.74
C SER B 305 17.35 -1.44 4.63
N GLU B 306 18.21 -1.42 3.62
CA GLU B 306 18.08 -0.48 2.53
C GLU B 306 16.84 -0.69 1.65
N THR B 307 16.16 -1.84 1.80
CA THR B 307 14.92 -2.12 1.05
C THR B 307 13.71 -2.20 1.98
N SER B 308 13.83 -1.51 3.12
CA SER B 308 12.84 -1.48 4.20
C SER B 308 12.42 -2.84 4.72
N GLY B 309 13.35 -3.78 4.77
CA GLY B 309 13.02 -5.15 5.14
C GLY B 309 12.84 -6.02 3.91
N LEU B 310 11.82 -6.85 3.94
CA LEU B 310 11.51 -7.83 2.87
C LEU B 310 11.25 -7.24 1.47
N SER B 311 11.89 -7.84 0.48
CA SER B 311 11.70 -7.47 -0.93
C SER B 311 11.04 -8.57 -1.76
N THR B 312 11.52 -9.80 -1.56
CA THR B 312 11.00 -11.01 -2.20
C THR B 312 10.42 -11.92 -1.12
N PHE B 313 9.37 -12.66 -1.47
CA PHE B 313 8.58 -13.43 -0.51
C PHE B 313 7.74 -14.48 -1.27
N ALA B 314 7.69 -15.70 -0.72
CA ALA B 314 6.82 -16.79 -1.21
C ALA B 314 6.89 -17.95 -0.23
N PRO B 315 5.81 -18.77 -0.18
CA PRO B 315 5.89 -20.03 0.57
C PRO B 315 7.10 -20.82 0.09
N TYR B 316 7.89 -21.33 1.03
CA TYR B 316 9.09 -22.12 0.74
C TYR B 316 8.78 -23.29 -0.20
N ARG B 317 7.66 -23.97 0.04
CA ARG B 317 7.26 -25.15 -0.76
C ARG B 317 6.99 -24.86 -2.23
N ASP B 318 6.63 -23.61 -2.56
CA ASP B 318 6.39 -23.19 -3.94
C ASP B 318 7.64 -23.21 -4.80
N ARG B 319 8.78 -22.89 -4.18
CA ARG B 319 10.08 -22.99 -4.84
C ARG B 319 11.16 -23.07 -3.77
N PRO B 320 11.44 -24.29 -3.24
CA PRO B 320 12.43 -24.48 -2.16
C PRO B 320 13.81 -24.01 -2.55
N LYS B 321 14.54 -23.47 -1.57
CA LYS B 321 15.86 -22.83 -1.77
C LYS B 321 15.87 -21.54 -2.60
N SER B 322 14.70 -21.04 -2.99
CA SER B 322 14.60 -19.69 -3.53
C SER B 322 14.38 -18.68 -2.39
N ALA B 323 14.47 -17.40 -2.72
CA ALA B 323 14.15 -16.32 -1.78
C ALA B 323 12.74 -15.78 -2.03
N GLY B 324 11.98 -16.47 -2.87
CA GLY B 324 10.61 -16.08 -3.22
C GLY B 324 10.49 -15.19 -4.43
N ARG B 325 9.27 -14.65 -4.62
CA ARG B 325 8.97 -13.77 -5.74
CA ARG B 325 8.94 -13.76 -5.74
C ARG B 325 8.94 -12.30 -5.26
N PRO B 326 9.35 -11.33 -6.15
CA PRO B 326 9.23 -9.92 -5.77
C PRO B 326 7.82 -9.54 -5.31
N LEU B 327 7.70 -8.81 -4.19
CA LEU B 327 6.39 -8.34 -3.69
C LEU B 327 5.87 -7.18 -4.50
N PHE B 328 4.57 -6.92 -4.40
CA PHE B 328 4.02 -5.67 -4.92
C PHE B 328 4.76 -4.46 -4.27
N TRP B 329 4.93 -3.40 -5.06
CA TRP B 329 5.66 -2.17 -4.75
C TRP B 329 7.17 -2.25 -5.05
N ARG B 330 7.67 -3.46 -5.34
CA ARG B 330 9.10 -3.70 -5.62
C ARG B 330 9.29 -4.00 -7.09
N THR B 331 10.23 -3.32 -7.73
CA THR B 331 10.65 -3.70 -9.07
C THR B 331 12.05 -4.22 -8.86
N VAL B 332 12.20 -5.53 -9.06
CA VAL B 332 13.44 -6.24 -8.77
C VAL B 332 14.02 -6.76 -10.08
N ALA B 333 15.34 -6.61 -10.23
CA ALA B 333 16.05 -7.10 -11.40
C ALA B 333 17.41 -7.61 -10.96
N VAL B 334 18.07 -8.30 -11.87
CA VAL B 334 19.42 -8.79 -11.69
C VAL B 334 20.24 -8.18 -12.85
N VAL B 335 21.39 -7.57 -12.55
CA VAL B 335 22.08 -6.78 -13.57
C VAL B 335 23.56 -7.09 -13.84
N ASP B 336 24.00 -6.66 -15.03
CA ASP B 336 25.40 -6.46 -15.42
C ASP B 336 26.16 -5.52 -14.50
N ALA B 337 27.47 -5.45 -14.71
CA ALA B 337 28.29 -4.39 -14.11
C ALA B 337 28.00 -3.04 -14.80
N GLU B 338 27.34 -3.10 -15.96
CA GLU B 338 26.88 -1.92 -16.69
C GLU B 338 25.41 -1.59 -16.43
N ASP B 339 24.83 -2.28 -15.44
CA ASP B 339 23.43 -2.09 -15.00
C ASP B 339 22.39 -2.42 -16.07
N ARG B 340 22.75 -3.29 -16.99
CA ARG B 340 21.78 -3.80 -17.94
C ARG B 340 21.17 -5.06 -17.33
N PRO B 341 19.82 -5.17 -17.36
CA PRO B 341 19.15 -6.32 -16.74
C PRO B 341 19.43 -7.62 -17.48
N LEU B 342 19.69 -8.68 -16.74
CA LEU B 342 20.02 -9.97 -17.30
C LEU B 342 18.78 -10.82 -17.52
N PRO B 343 18.75 -11.60 -18.62
CA PRO B 343 17.76 -12.65 -18.87
C PRO B 343 17.75 -13.72 -17.77
N PRO B 344 16.60 -14.40 -17.57
CA PRO B 344 16.47 -15.42 -16.52
C PRO B 344 17.53 -16.51 -16.64
N GLY B 345 18.11 -16.89 -15.51
CA GLY B 345 19.17 -17.89 -15.50
C GLY B 345 20.50 -17.29 -15.11
N GLU B 346 20.79 -16.09 -15.61
CA GLU B 346 22.09 -15.44 -15.39
C GLU B 346 22.23 -14.76 -14.03
N VAL B 347 23.27 -15.15 -13.28
CA VAL B 347 23.63 -14.51 -12.01
C VAL B 347 24.13 -13.08 -12.21
N GLY B 348 23.62 -12.15 -11.40
CA GLY B 348 24.07 -10.74 -11.42
C GLY B 348 23.80 -10.09 -10.08
N GLU B 349 23.90 -8.77 -10.01
CA GLU B 349 23.60 -8.07 -8.76
C GLU B 349 22.12 -7.76 -8.65
N ILE B 350 21.53 -8.08 -7.51
CA ILE B 350 20.13 -7.78 -7.23
C ILE B 350 19.91 -6.28 -7.11
N VAL B 351 19.03 -5.73 -7.94
CA VAL B 351 18.74 -4.31 -7.87
C VAL B 351 17.25 -4.04 -7.62
N LEU B 352 16.91 -2.83 -7.17
CA LEU B 352 15.55 -2.51 -6.75
C LEU B 352 15.14 -1.09 -7.12
N ARG B 353 13.92 -0.96 -7.60
CA ARG B 353 13.30 0.35 -7.70
C ARG B 353 12.01 0.38 -6.89
N GLY B 354 11.56 1.57 -6.54
CA GLY B 354 10.26 1.70 -5.91
C GLY B 354 10.28 2.29 -4.50
N PRO B 355 9.10 2.49 -3.91
CA PRO B 355 8.93 3.23 -2.65
C PRO B 355 9.37 2.51 -1.38
N THR B 356 9.87 1.28 -1.51
CA THR B 356 10.48 0.56 -0.37
C THR B 356 12.00 0.82 -0.26
N VAL B 357 12.59 1.38 -1.32
CA VAL B 357 14.00 1.82 -1.33
C VAL B 357 14.18 2.93 -0.31
N PHE B 358 15.16 2.75 0.55
CA PHE B 358 15.41 3.68 1.64
C PHE B 358 15.84 5.09 1.15
N LYS B 359 16.01 6.01 2.08
CA LYS B 359 16.36 7.39 1.72
C LYS B 359 17.82 7.55 1.29
N GLY B 360 18.69 6.70 1.82
CA GLY B 360 20.13 6.76 1.54
C GLY B 360 20.88 6.62 2.85
N TYR B 361 22.20 6.47 2.76
CA TYR B 361 23.04 6.30 3.95
C TYR B 361 23.26 7.61 4.68
N TRP B 362 23.08 7.55 6.01
CA TRP B 362 23.24 8.72 6.88
C TRP B 362 24.67 9.26 6.80
N ASN B 363 24.78 10.55 6.45
CA ASN B 363 26.07 11.26 6.25
C ASN B 363 27.13 10.48 5.47
N ASN B 364 26.74 9.96 4.31
CA ASN B 364 27.67 9.19 3.46
C ASN B 364 27.20 9.24 2.01
N ALA B 365 27.34 10.43 1.43
CA ALA B 365 26.88 10.69 0.06
C ALA B 365 27.58 9.82 -0.99
N ALA B 366 28.85 9.47 -0.75
CA ALA B 366 29.59 8.57 -1.64
C ALA B 366 28.94 7.19 -1.68
N ALA B 367 28.64 6.64 -0.50
CA ALA B 367 27.98 5.34 -0.43
C ALA B 367 26.56 5.37 -1.01
N THR B 368 25.83 6.47 -0.78
CA THR B 368 24.48 6.66 -1.32
C THR B 368 24.50 6.75 -2.85
N GLN B 369 25.43 7.53 -3.40
CA GLN B 369 25.56 7.71 -4.84
C GLN B 369 25.89 6.39 -5.53
N HIS B 370 26.81 5.64 -4.94
CA HIS B 370 27.15 4.29 -5.40
C HIS B 370 25.98 3.28 -5.27
N ALA B 371 25.23 3.36 -4.17
CA ALA B 371 24.00 2.57 -4.01
C ALA B 371 22.97 2.89 -5.12
N PHE B 372 22.84 4.16 -5.48
CA PHE B 372 21.74 4.59 -6.35
C PHE B 372 22.13 4.78 -7.84
N ARG B 373 23.29 4.28 -8.24
CA ARG B 373 23.81 4.55 -9.59
C ARG B 373 22.89 4.00 -10.69
N ASN B 374 22.74 4.80 -11.75
CA ASN B 374 21.84 4.53 -12.87
C ASN B 374 20.35 4.33 -12.53
N GLY B 375 19.89 4.97 -11.45
CA GLY B 375 18.48 4.95 -11.05
C GLY B 375 17.97 3.60 -10.55
N TRP B 376 18.88 2.76 -10.08
CA TRP B 376 18.54 1.49 -9.44
C TRP B 376 19.23 1.48 -8.10
N HIS B 377 18.58 0.93 -7.10
CA HIS B 377 19.23 0.71 -5.83
C HIS B 377 19.96 -0.63 -5.90
N HIS B 378 21.21 -0.66 -5.43
CA HIS B 378 22.05 -1.85 -5.49
C HIS B 378 22.20 -2.48 -4.12
N THR B 379 21.79 -3.75 -4.03
CA THR B 379 21.78 -4.48 -2.76
C THR B 379 23.16 -4.92 -2.28
N GLY B 380 24.11 -5.09 -3.20
CA GLY B 380 25.42 -5.64 -2.86
C GLY B 380 25.39 -7.16 -2.86
N ASP B 381 24.24 -7.73 -3.22
CA ASP B 381 24.03 -9.16 -3.23
C ASP B 381 23.89 -9.68 -4.65
N MET B 382 24.38 -10.89 -4.87
CA MET B 382 24.32 -11.54 -6.16
C MET B 382 23.12 -12.49 -6.19
N GLY B 383 22.57 -12.71 -7.38
CA GLY B 383 21.50 -13.70 -7.52
C GLY B 383 20.99 -13.90 -8.92
N ARG B 384 20.10 -14.86 -9.09
CA ARG B 384 19.49 -15.14 -10.39
C ARG B 384 17.98 -15.36 -10.25
N PHE B 385 17.26 -15.02 -11.32
CA PHE B 385 15.84 -15.35 -11.43
C PHE B 385 15.65 -16.62 -12.26
N ASP B 386 14.69 -17.44 -11.88
CA ASP B 386 14.26 -18.52 -12.74
C ASP B 386 13.15 -18.01 -13.69
N ALA B 387 12.60 -18.89 -14.52
CA ALA B 387 11.61 -18.50 -15.51
C ALA B 387 10.24 -18.09 -14.93
N ASP B 388 9.98 -18.48 -13.67
CA ASP B 388 8.75 -18.11 -13.00
C ASP B 388 8.91 -16.83 -12.17
N GLY B 389 10.13 -16.28 -12.18
CA GLY B 389 10.43 -15.03 -11.49
C GLY B 389 10.73 -15.18 -10.02
N TYR B 390 11.16 -16.39 -9.63
CA TYR B 390 11.64 -16.63 -8.27
C TYR B 390 13.10 -16.27 -8.20
N LEU B 391 13.48 -15.58 -7.14
CA LEU B 391 14.87 -15.17 -6.95
C LEU B 391 15.64 -16.22 -6.15
N PHE B 392 16.86 -16.50 -6.60
CA PHE B 392 17.73 -17.42 -5.89
C PHE B 392 18.92 -16.60 -5.42
N TYR B 393 19.15 -16.57 -4.11
CA TYR B 393 20.25 -15.81 -3.51
C TYR B 393 21.58 -16.53 -3.76
N ALA B 394 22.57 -15.78 -4.24
CA ALA B 394 23.86 -16.38 -4.64
C ALA B 394 25.10 -15.70 -4.04
N GLY B 395 25.00 -15.26 -2.78
CA GLY B 395 26.15 -14.68 -2.06
C GLY B 395 26.30 -13.16 -2.13
N ARG B 396 27.35 -12.66 -1.48
CA ARG B 396 27.63 -11.22 -1.40
C ARG B 396 28.70 -10.85 -2.43
C1 GOL C . -4.98 22.56 -13.37
O1 GOL C . -6.21 22.63 -12.71
C2 GOL C . -5.15 23.04 -14.81
O2 GOL C . -5.75 24.33 -14.83
C3 GOL C . -3.77 23.11 -15.44
O3 GOL C . -3.83 23.78 -16.68
C1 GOL D . 4.34 4.49 -4.99
O1 GOL D . 5.17 4.90 -6.05
C2 GOL D . 2.93 5.07 -5.16
O2 GOL D . 2.31 4.40 -6.23
C3 GOL D . 2.12 4.89 -3.88
O3 GOL D . 2.58 5.81 -2.91
C1 GOL E . -23.38 1.14 0.55
C1 GOL E . -24.07 -0.83 1.43
O1 GOL E . -22.48 0.08 0.27
O1 GOL E . -22.94 -0.41 0.69
C2 GOL E . -24.79 0.61 0.77
C2 GOL E . -24.83 0.39 1.94
O2 GOL E . -25.23 0.05 -0.45
O2 GOL E . -23.91 1.38 2.35
C3 GOL E . -24.80 -0.48 1.85
C3 GOL E . -25.72 -0.02 3.11
O3 GOL E . -26.11 -0.62 2.37
O3 GOL E . -27.02 0.49 2.93
C1 GOL F . -8.98 8.06 12.43
C1 GOL F . -8.88 8.05 12.89
O1 GOL F . -7.87 7.89 13.29
O1 GOL F . -9.65 8.42 14.03
C2 GOL F . -9.41 6.74 11.80
C2 GOL F . -9.32 6.68 12.37
O2 GOL F . -8.47 6.34 10.83
O2 GOL F . -8.30 6.13 11.57
C3 GOL F . -10.76 6.92 11.11
C3 GOL F . -10.60 6.83 11.54
O3 GOL F . -11.83 7.03 12.02
O3 GOL F . -10.26 7.04 10.18
C1 GOL G . 1.46 7.57 3.03
O1 GOL G . 1.58 8.97 3.16
C2 GOL G . 2.81 6.86 2.90
O2 GOL G . 3.03 6.21 4.13
C3 GOL G . 2.82 5.85 1.76
O3 GOL G . 3.83 6.18 0.84
C1 GOL H . 14.88 -18.16 3.01
C1 GOL H . 14.46 -18.61 3.78
O1 GOL H . 15.55 -17.00 2.57
O1 GOL H . 14.24 -17.22 3.86
C2 GOL H . 15.85 -19.33 3.03
C2 GOL H . 15.52 -18.93 2.74
O2 GOL H . 16.35 -19.49 4.34
O2 GOL H . 15.18 -18.29 1.51
C3 GOL H . 15.13 -20.60 2.60
C3 GOL H . 15.58 -20.44 2.53
O3 GOL H . 15.05 -20.66 1.19
O3 GOL H . 16.21 -20.75 1.31
CL CL I . 9.66 -7.42 -10.51
#